data_2GUT
#
_entry.id   2GUT
#
_cell.length_a   1.000
_cell.length_b   1.000
_cell.length_c   1.000
_cell.angle_alpha   90.00
_cell.angle_beta   90.00
_cell.angle_gamma   90.00
#
_symmetry.space_group_name_H-M   'P 1'
#
_entity_poly.entity_id   1
_entity_poly.type   'polypeptide(L)'
_entity_poly.pdbx_seq_one_letter_code
;GAMGQETDWRSTAFRQKLVSQIEDAMRKAGVAHSKSSKDMESHVFLKAKTRDEYLSLVARLIIHFRDIHNKKSQASV
;
_entity_poly.pdbx_strand_id   A
#
# COMPACT_ATOMS: atom_id res chain seq x y z
N GLY A 1 -9.42 -4.23 -19.18
CA GLY A 1 -8.42 -3.92 -18.17
C GLY A 1 -9.03 -3.40 -16.88
N ALA A 2 -9.06 -2.08 -16.74
CA ALA A 2 -9.62 -1.46 -15.55
C ALA A 2 -9.92 0.01 -15.80
N MET A 3 -8.96 0.73 -16.36
CA MET A 3 -9.12 2.15 -16.65
C MET A 3 -8.19 2.60 -17.77
N GLY A 4 -8.57 3.68 -18.45
CA GLY A 4 -7.75 4.18 -19.54
C GLY A 4 -6.93 5.39 -19.15
N GLN A 5 -7.60 6.40 -18.59
CA GLN A 5 -6.93 7.62 -18.15
C GLN A 5 -5.93 7.33 -17.04
N GLU A 6 -5.32 8.39 -16.51
CA GLU A 6 -4.34 8.25 -15.44
C GLU A 6 -4.16 9.57 -14.69
N THR A 7 -5.19 10.41 -14.71
CA THR A 7 -5.14 11.71 -14.06
C THR A 7 -6.28 11.86 -13.06
N ASP A 8 -6.63 10.78 -12.38
CA ASP A 8 -7.70 10.80 -11.40
C ASP A 8 -7.46 9.75 -10.31
N TRP A 9 -6.37 9.91 -9.58
CA TRP A 9 -6.02 8.99 -8.51
C TRP A 9 -6.94 9.18 -7.30
N ARG A 10 -7.75 10.24 -7.35
CA ARG A 10 -8.68 10.54 -6.26
C ARG A 10 -9.97 9.75 -6.41
N SER A 11 -10.02 8.90 -7.44
CA SER A 11 -11.21 8.10 -7.71
C SER A 11 -11.31 6.94 -6.73
N THR A 12 -12.54 6.58 -6.36
CA THR A 12 -12.76 5.49 -5.42
C THR A 12 -12.15 4.19 -5.92
N ALA A 13 -12.41 3.86 -7.19
CA ALA A 13 -11.88 2.65 -7.78
C ALA A 13 -10.36 2.58 -7.62
N PHE A 14 -9.70 3.72 -7.76
CA PHE A 14 -8.25 3.79 -7.62
C PHE A 14 -7.82 3.42 -6.20
N ARG A 15 -8.15 4.27 -5.25
CA ARG A 15 -7.79 4.04 -3.85
C ARG A 15 -8.28 2.67 -3.39
N GLN A 16 -9.49 2.30 -3.84
CA GLN A 16 -10.09 1.03 -3.46
C GLN A 16 -9.15 -0.13 -3.83
N LYS A 17 -8.88 -0.27 -5.12
CA LYS A 17 -8.01 -1.34 -5.61
C LYS A 17 -6.69 -1.36 -4.84
N LEU A 18 -6.08 -0.19 -4.69
CA LEU A 18 -4.81 -0.07 -3.98
C LEU A 18 -4.96 -0.54 -2.54
N VAL A 19 -6.07 -0.16 -1.90
CA VAL A 19 -6.32 -0.55 -0.52
C VAL A 19 -6.31 -2.07 -0.36
N SER A 20 -6.89 -2.77 -1.35
CA SER A 20 -6.94 -4.22 -1.32
C SER A 20 -5.54 -4.82 -1.40
N GLN A 21 -4.71 -4.24 -2.26
CA GLN A 21 -3.34 -4.72 -2.43
C GLN A 21 -2.57 -4.66 -1.12
N ILE A 22 -2.61 -3.50 -0.47
CA ILE A 22 -1.91 -3.31 0.79
C ILE A 22 -2.44 -4.27 1.87
N GLU A 23 -3.74 -4.54 1.81
CA GLU A 23 -4.38 -5.44 2.78
C GLU A 23 -3.98 -6.89 2.50
N ASP A 24 -3.80 -7.22 1.22
CA ASP A 24 -3.43 -8.56 0.82
C ASP A 24 -1.98 -8.87 1.20
N ALA A 25 -1.09 -7.93 0.87
CA ALA A 25 0.33 -8.09 1.18
C ALA A 25 0.56 -8.23 2.68
N MET A 26 -0.12 -7.38 3.45
CA MET A 26 0.01 -7.41 4.91
C MET A 26 -0.45 -8.75 5.47
N ARG A 27 -1.61 -9.22 5.01
CA ARG A 27 -2.15 -10.49 5.46
C ARG A 27 -1.12 -11.60 5.34
N LYS A 28 -0.59 -11.80 4.14
CA LYS A 28 0.41 -12.84 3.88
C LYS A 28 1.73 -12.47 4.54
N ALA A 29 1.93 -11.18 4.78
CA ALA A 29 3.17 -10.70 5.40
C ALA A 29 3.22 -11.10 6.87
N GLY A 30 2.05 -11.31 7.47
CA GLY A 30 1.99 -11.69 8.87
C GLY A 30 2.53 -10.61 9.79
N VAL A 31 1.74 -9.56 10.00
CA VAL A 31 2.15 -8.46 10.86
C VAL A 31 1.00 -8.03 11.76
N ALA A 32 1.28 -7.10 12.68
CA ALA A 32 0.28 -6.59 13.60
C ALA A 32 0.85 -5.51 14.51
N HIS A 33 0.28 -4.33 14.45
CA HIS A 33 0.74 -3.21 15.26
C HIS A 33 -0.12 -1.97 15.02
N SER A 34 -0.06 -1.44 13.80
CA SER A 34 -0.83 -0.26 13.45
C SER A 34 -2.32 -0.50 13.61
N LYS A 35 -3.13 0.48 13.24
CA LYS A 35 -4.58 0.37 13.34
C LYS A 35 -5.11 -0.68 12.40
N SER A 36 -5.03 -0.41 11.10
CA SER A 36 -5.51 -1.36 10.09
C SER A 36 -5.16 -0.86 8.68
N SER A 37 -5.26 -1.76 7.71
CA SER A 37 -4.95 -1.42 6.32
C SER A 37 -5.70 -0.17 5.89
N LYS A 38 -7.03 -0.19 6.05
CA LYS A 38 -7.86 0.94 5.67
C LYS A 38 -7.30 2.24 6.24
N ASP A 39 -6.86 2.19 7.49
CA ASP A 39 -6.29 3.36 8.16
C ASP A 39 -4.91 3.69 7.59
N MET A 40 -4.15 2.66 7.26
CA MET A 40 -2.81 2.84 6.71
C MET A 40 -2.87 3.51 5.34
N GLU A 41 -3.76 3.03 4.49
CA GLU A 41 -3.92 3.59 3.15
C GLU A 41 -4.42 5.03 3.22
N SER A 42 -5.39 5.28 4.09
CA SER A 42 -5.96 6.60 4.25
C SER A 42 -4.87 7.62 4.59
N HIS A 43 -3.97 7.24 5.49
CA HIS A 43 -2.89 8.11 5.91
C HIS A 43 -1.95 8.42 4.74
N VAL A 44 -1.58 7.38 4.00
CA VAL A 44 -0.69 7.54 2.86
C VAL A 44 -1.25 8.55 1.87
N PHE A 45 -2.55 8.46 1.60
CA PHE A 45 -3.20 9.38 0.67
C PHE A 45 -3.07 10.82 1.15
N LEU A 46 -3.64 11.10 2.32
CA LEU A 46 -3.60 12.45 2.89
C LEU A 46 -2.15 12.92 3.06
N LYS A 47 -1.23 11.96 3.15
CA LYS A 47 0.18 12.28 3.31
C LYS A 47 0.83 12.54 1.96
N ALA A 48 0.24 12.00 0.90
CA ALA A 48 0.76 12.17 -0.45
C ALA A 48 0.29 13.49 -1.05
N LYS A 49 1.05 13.99 -2.03
CA LYS A 49 0.71 15.24 -2.68
C LYS A 49 0.15 14.99 -4.08
N THR A 50 0.52 13.85 -4.66
CA THR A 50 0.06 13.49 -6.00
C THR A 50 -0.04 11.98 -6.16
N ARG A 51 -0.62 11.55 -7.28
CA ARG A 51 -0.78 10.12 -7.54
C ARG A 51 0.57 9.40 -7.45
N ASP A 52 1.64 10.13 -7.70
CA ASP A 52 2.99 9.56 -7.65
C ASP A 52 3.42 9.33 -6.21
N GLU A 53 3.30 10.36 -5.38
CA GLU A 53 3.69 10.26 -3.98
C GLU A 53 3.03 9.05 -3.31
N TYR A 54 1.72 8.93 -3.50
CA TYR A 54 0.96 7.82 -2.92
C TYR A 54 1.44 6.48 -3.48
N LEU A 55 1.34 6.34 -4.80
CA LEU A 55 1.75 5.11 -5.47
C LEU A 55 3.16 4.72 -5.06
N SER A 56 3.98 5.71 -4.75
CA SER A 56 5.36 5.47 -4.34
C SER A 56 5.42 4.92 -2.93
N LEU A 57 4.84 5.66 -1.99
CA LEU A 57 4.82 5.23 -0.58
C LEU A 57 4.13 3.89 -0.42
N VAL A 58 3.08 3.68 -1.22
CA VAL A 58 2.32 2.42 -1.16
C VAL A 58 3.19 1.24 -1.58
N ALA A 59 3.77 1.33 -2.77
CA ALA A 59 4.63 0.26 -3.29
C ALA A 59 5.68 -0.13 -2.25
N ARG A 60 6.46 0.84 -1.80
CA ARG A 60 7.50 0.59 -0.82
C ARG A 60 6.95 -0.18 0.37
N LEU A 61 5.78 0.24 0.86
CA LEU A 61 5.14 -0.42 2.00
C LEU A 61 4.87 -1.89 1.69
N ILE A 62 4.20 -2.15 0.57
CA ILE A 62 3.88 -3.51 0.17
C ILE A 62 5.13 -4.35 0.01
N ILE A 63 6.11 -3.81 -0.72
CA ILE A 63 7.36 -4.52 -0.94
C ILE A 63 8.04 -4.88 0.37
N HIS A 64 8.12 -3.90 1.28
CA HIS A 64 8.75 -4.12 2.57
C HIS A 64 8.06 -5.26 3.32
N PHE A 65 6.75 -5.38 3.13
CA PHE A 65 5.99 -6.43 3.79
C PHE A 65 6.37 -7.80 3.25
N ARG A 66 6.45 -7.92 1.92
CA ARG A 66 6.81 -9.17 1.28
C ARG A 66 8.19 -9.63 1.71
N ASP A 67 9.08 -8.67 1.95
CA ASP A 67 10.45 -8.98 2.38
C ASP A 67 10.46 -9.52 3.81
N ILE A 68 9.79 -8.81 4.70
CA ILE A 68 9.73 -9.21 6.10
C ILE A 68 9.28 -10.67 6.23
N HIS A 69 8.24 -11.03 5.50
CA HIS A 69 7.72 -12.40 5.53
C HIS A 69 8.59 -13.32 4.69
N ASN A 70 9.28 -12.75 3.72
CA ASN A 70 10.15 -13.54 2.84
C ASN A 70 11.32 -14.15 3.62
N LYS A 71 11.75 -13.44 4.65
CA LYS A 71 12.86 -13.90 5.48
C LYS A 71 14.14 -14.02 4.67
N LYS A 72 15.22 -14.41 5.33
CA LYS A 72 16.52 -14.57 4.67
C LYS A 72 16.99 -13.24 4.08
N SER A 73 16.55 -12.14 4.69
CA SER A 73 16.93 -10.81 4.22
C SER A 73 17.07 -9.85 5.39
N GLN A 74 17.23 -8.56 5.08
CA GLN A 74 17.36 -7.53 6.10
C GLN A 74 16.03 -7.29 6.81
N ALA A 75 15.12 -6.62 6.13
CA ALA A 75 13.80 -6.32 6.69
C ALA A 75 13.93 -5.47 7.95
N SER A 76 13.72 -4.17 7.81
CA SER A 76 13.82 -3.24 8.93
C SER A 76 12.60 -2.32 8.98
N VAL A 77 11.71 -2.58 9.94
CA VAL A 77 10.51 -1.77 10.10
C VAL A 77 10.78 -0.55 10.96
N GLY A 1 -3.21 -8.25 -12.11
CA GLY A 1 -3.73 -6.89 -12.24
C GLY A 1 -2.65 -5.88 -12.56
N ALA A 2 -2.33 -5.03 -11.58
CA ALA A 2 -1.31 -4.01 -11.76
C ALA A 2 -1.69 -3.04 -12.88
N MET A 3 -2.82 -2.37 -12.72
CA MET A 3 -3.29 -1.42 -13.72
C MET A 3 -3.59 -0.07 -13.08
N GLY A 4 -4.09 0.87 -13.88
CA GLY A 4 -4.40 2.19 -13.38
C GLY A 4 -4.37 3.24 -14.46
N GLN A 5 -3.43 4.19 -14.34
CA GLN A 5 -3.30 5.25 -15.31
C GLN A 5 -4.57 6.09 -15.39
N GLU A 6 -4.59 7.19 -14.63
CA GLU A 6 -5.75 8.07 -14.62
C GLU A 6 -5.45 9.35 -13.83
N THR A 7 -6.18 10.42 -14.15
CA THR A 7 -5.99 11.70 -13.48
C THR A 7 -6.84 11.78 -12.21
N ASP A 8 -8.07 11.29 -12.30
CA ASP A 8 -8.99 11.31 -11.16
C ASP A 8 -8.58 10.27 -10.12
N TRP A 9 -7.52 10.56 -9.37
CA TRP A 9 -7.05 9.65 -8.34
C TRP A 9 -7.88 9.75 -7.08
N ARG A 10 -8.86 10.67 -7.09
CA ARG A 10 -9.73 10.86 -5.95
C ARG A 10 -10.98 9.98 -6.06
N SER A 11 -10.94 9.03 -6.98
CA SER A 11 -12.07 8.12 -7.18
C SER A 11 -12.01 6.95 -6.20
N THR A 12 -13.17 6.51 -5.75
CA THR A 12 -13.26 5.41 -4.82
C THR A 12 -12.58 4.16 -5.38
N ALA A 13 -12.91 3.82 -6.61
CA ALA A 13 -12.33 2.65 -7.27
C ALA A 13 -10.80 2.70 -7.22
N PHE A 14 -10.25 3.90 -7.37
CA PHE A 14 -8.81 4.09 -7.34
C PHE A 14 -8.23 3.73 -5.96
N ARG A 15 -8.55 4.57 -4.97
CA ARG A 15 -8.07 4.36 -3.62
C ARG A 15 -8.43 2.95 -3.13
N GLN A 16 -9.63 2.49 -3.48
CA GLN A 16 -10.09 1.17 -3.08
C GLN A 16 -9.10 0.10 -3.51
N LYS A 17 -8.90 -0.02 -4.81
CA LYS A 17 -7.97 -1.02 -5.35
C LYS A 17 -6.62 -0.93 -4.67
N LEU A 18 -6.08 0.29 -4.57
CA LEU A 18 -4.79 0.51 -3.93
C LEU A 18 -4.81 0.03 -2.49
N VAL A 19 -5.90 0.31 -1.79
CA VAL A 19 -6.04 -0.10 -0.40
C VAL A 19 -5.91 -1.60 -0.25
N SER A 20 -6.59 -2.34 -1.12
CA SER A 20 -6.55 -3.80 -1.08
C SER A 20 -5.12 -4.30 -1.25
N GLN A 21 -4.38 -3.69 -2.16
CA GLN A 21 -3.00 -4.08 -2.42
C GLN A 21 -2.17 -3.99 -1.15
N ILE A 22 -2.19 -2.82 -0.51
CA ILE A 22 -1.44 -2.60 0.73
C ILE A 22 -1.85 -3.60 1.80
N GLU A 23 -3.13 -3.93 1.83
CA GLU A 23 -3.65 -4.87 2.82
C GLU A 23 -3.18 -6.30 2.53
N ASP A 24 -2.99 -6.59 1.24
CA ASP A 24 -2.54 -7.92 0.82
C ASP A 24 -1.06 -8.11 1.16
N ALA A 25 -0.24 -7.15 0.75
CA ALA A 25 1.20 -7.22 1.01
C ALA A 25 1.48 -7.33 2.51
N MET A 26 0.77 -6.53 3.30
CA MET A 26 0.95 -6.54 4.74
C MET A 26 0.57 -7.90 5.33
N ARG A 27 -0.55 -8.44 4.89
CA ARG A 27 -1.02 -9.73 5.37
C ARG A 27 0.08 -10.78 5.26
N LYS A 28 0.64 -10.92 4.06
CA LYS A 28 1.70 -11.90 3.81
C LYS A 28 3.02 -11.41 4.42
N ALA A 29 3.14 -10.11 4.61
CA ALA A 29 4.35 -9.52 5.19
C ALA A 29 4.47 -9.87 6.67
N GLY A 30 3.34 -10.18 7.29
CA GLY A 30 3.33 -10.51 8.70
C GLY A 30 4.01 -9.46 9.55
N VAL A 31 3.30 -8.38 9.84
CA VAL A 31 3.84 -7.30 10.64
C VAL A 31 2.91 -6.95 11.79
N ALA A 32 3.29 -5.95 12.58
CA ALA A 32 2.48 -5.51 13.72
C ALA A 32 2.76 -4.06 14.07
N HIS A 33 2.16 -3.58 15.16
CA HIS A 33 2.35 -2.21 15.59
C HIS A 33 1.82 -1.23 14.55
N SER A 34 0.50 -1.11 14.49
CA SER A 34 -0.15 -0.21 13.53
C SER A 34 -1.66 -0.25 13.67
N LYS A 35 -2.31 0.82 13.25
CA LYS A 35 -3.77 0.92 13.33
C LYS A 35 -4.43 -0.11 12.42
N SER A 36 -4.31 0.11 11.11
CA SER A 36 -4.89 -0.79 10.13
C SER A 36 -4.65 -0.29 8.71
N SER A 37 -4.74 -1.20 7.75
CA SER A 37 -4.52 -0.85 6.34
C SER A 37 -5.35 0.36 5.95
N LYS A 38 -6.65 0.28 6.22
CA LYS A 38 -7.56 1.37 5.88
C LYS A 38 -7.05 2.70 6.43
N ASP A 39 -6.51 2.67 7.64
CA ASP A 39 -5.97 3.87 8.28
C ASP A 39 -4.64 4.27 7.65
N MET A 40 -3.87 3.27 7.21
CA MET A 40 -2.58 3.51 6.60
C MET A 40 -2.74 4.18 5.24
N GLU A 41 -3.57 3.60 4.39
CA GLU A 41 -3.81 4.14 3.06
C GLU A 41 -4.47 5.51 3.13
N SER A 42 -5.41 5.65 4.06
CA SER A 42 -6.12 6.91 4.24
C SER A 42 -5.14 8.05 4.55
N HIS A 43 -4.21 7.78 5.46
CA HIS A 43 -3.21 8.77 5.85
C HIS A 43 -2.35 9.17 4.66
N VAL A 44 -1.92 8.17 3.89
CA VAL A 44 -1.08 8.41 2.72
C VAL A 44 -1.75 9.39 1.76
N PHE A 45 -3.05 9.20 1.54
CA PHE A 45 -3.81 10.05 0.64
C PHE A 45 -3.81 11.49 1.14
N LEU A 46 -4.33 11.70 2.34
CA LEU A 46 -4.39 13.04 2.92
C LEU A 46 -2.99 13.64 3.04
N LYS A 47 -1.98 12.78 3.05
CA LYS A 47 -0.59 13.24 3.15
C LYS A 47 -0.02 13.53 1.78
N ALA A 48 -0.60 12.94 0.75
CA ALA A 48 -0.16 13.15 -0.62
C ALA A 48 -0.78 14.40 -1.22
N LYS A 49 -0.07 15.02 -2.16
CA LYS A 49 -0.56 16.24 -2.82
C LYS A 49 -1.15 15.91 -4.19
N THR A 50 -0.71 14.80 -4.77
CA THR A 50 -1.18 14.38 -6.08
C THR A 50 -1.17 12.87 -6.20
N ARG A 51 -1.78 12.36 -7.27
CA ARG A 51 -1.83 10.92 -7.51
C ARG A 51 -0.43 10.31 -7.48
N ASP A 52 0.57 11.11 -7.83
CA ASP A 52 1.95 10.66 -7.84
C ASP A 52 2.47 10.45 -6.42
N GLU A 53 2.32 11.47 -5.59
CA GLU A 53 2.77 11.41 -4.20
C GLU A 53 2.23 10.16 -3.51
N TYR A 54 0.93 9.94 -3.67
CA TYR A 54 0.28 8.78 -3.06
C TYR A 54 0.81 7.48 -3.64
N LEU A 55 0.68 7.32 -4.95
CA LEU A 55 1.15 6.13 -5.64
C LEU A 55 2.60 5.83 -5.28
N SER A 56 3.35 6.88 -4.98
CA SER A 56 4.76 6.73 -4.62
C SER A 56 4.90 6.17 -3.21
N LEU A 57 4.30 6.87 -2.25
CA LEU A 57 4.36 6.45 -0.85
C LEU A 57 3.77 5.06 -0.67
N VAL A 58 2.70 4.77 -1.41
CA VAL A 58 2.03 3.47 -1.35
C VAL A 58 2.96 2.37 -1.82
N ALA A 59 3.45 2.49 -3.05
CA ALA A 59 4.33 1.50 -3.63
C ALA A 59 5.49 1.19 -2.68
N ARG A 60 6.22 2.23 -2.29
CA ARG A 60 7.36 2.06 -1.38
C ARG A 60 6.96 1.25 -0.16
N LEU A 61 5.80 1.57 0.41
CA LEU A 61 5.31 0.86 1.59
C LEU A 61 5.14 -0.62 1.30
N ILE A 62 4.39 -0.94 0.25
CA ILE A 62 4.15 -2.32 -0.12
C ILE A 62 5.46 -3.05 -0.39
N ILE A 63 6.31 -2.44 -1.21
CA ILE A 63 7.60 -3.03 -1.55
C ILE A 63 8.41 -3.33 -0.30
N HIS A 64 8.46 -2.38 0.62
CA HIS A 64 9.20 -2.55 1.87
C HIS A 64 8.68 -3.74 2.66
N PHE A 65 7.37 -3.99 2.56
CA PHE A 65 6.74 -5.10 3.26
C PHE A 65 7.17 -6.43 2.67
N ARG A 66 7.14 -6.51 1.34
CA ARG A 66 7.52 -7.73 0.64
C ARG A 66 8.97 -8.11 0.96
N ASP A 67 9.82 -7.11 1.07
CA ASP A 67 11.23 -7.34 1.39
C ASP A 67 11.40 -7.92 2.78
N ILE A 68 10.76 -7.28 3.76
CA ILE A 68 10.84 -7.74 5.15
C ILE A 68 10.49 -9.22 5.25
N HIS A 69 9.41 -9.62 4.59
CA HIS A 69 8.97 -11.01 4.61
C HIS A 69 10.06 -11.93 4.06
N ASN A 70 10.49 -11.65 2.83
CA ASN A 70 11.51 -12.46 2.19
C ASN A 70 12.76 -12.56 3.06
N LYS A 71 12.99 -11.53 3.86
CA LYS A 71 14.15 -11.49 4.76
C LYS A 71 14.09 -12.64 5.76
N LYS A 72 14.98 -12.59 6.75
CA LYS A 72 15.04 -13.63 7.77
C LYS A 72 13.66 -13.82 8.42
N SER A 73 12.97 -14.88 8.03
CA SER A 73 11.65 -15.18 8.57
C SER A 73 11.09 -16.46 7.96
N GLN A 74 10.47 -17.28 8.81
CA GLN A 74 9.88 -18.53 8.36
C GLN A 74 8.67 -18.29 7.47
N ALA A 75 8.72 -18.83 6.25
CA ALA A 75 7.63 -18.67 5.30
C ALA A 75 7.77 -19.64 4.14
N SER A 76 8.69 -19.33 3.23
CA SER A 76 8.93 -20.18 2.06
C SER A 76 10.18 -19.73 1.31
N VAL A 77 10.10 -18.57 0.67
CA VAL A 77 11.22 -18.03 -0.08
C VAL A 77 11.78 -16.78 0.57
N GLY A 1 -2.08 -5.37 -13.70
CA GLY A 1 -3.39 -4.88 -14.09
C GLY A 1 -3.35 -3.44 -14.56
N ALA A 2 -2.57 -3.19 -15.60
CA ALA A 2 -2.44 -1.84 -16.14
C ALA A 2 -3.32 -1.68 -17.38
N MET A 3 -4.57 -1.27 -17.17
CA MET A 3 -5.51 -1.08 -18.26
C MET A 3 -6.37 0.16 -18.03
N GLY A 4 -5.71 1.32 -17.93
CA GLY A 4 -6.43 2.55 -17.71
C GLY A 4 -5.54 3.64 -17.15
N GLN A 5 -5.83 4.90 -17.51
CA GLN A 5 -5.05 6.03 -17.04
C GLN A 5 -5.86 7.31 -17.07
N GLU A 6 -6.21 7.81 -15.89
CA GLU A 6 -7.00 9.03 -15.78
C GLU A 6 -6.31 10.05 -14.87
N THR A 7 -6.85 11.26 -14.85
CA THR A 7 -6.28 12.33 -14.02
C THR A 7 -7.12 12.57 -12.77
N ASP A 8 -7.82 11.53 -12.34
CA ASP A 8 -8.66 11.62 -11.15
C ASP A 8 -8.34 10.51 -10.16
N TRP A 9 -7.12 10.52 -9.64
CA TRP A 9 -6.69 9.50 -8.68
C TRP A 9 -7.60 9.50 -7.45
N ARG A 10 -8.28 10.61 -7.21
CA ARG A 10 -9.17 10.74 -6.07
C ARG A 10 -10.41 9.87 -6.25
N SER A 11 -10.59 9.34 -7.45
CA SER A 11 -11.73 8.49 -7.75
C SER A 11 -11.83 7.33 -6.77
N THR A 12 -13.04 7.00 -6.36
CA THR A 12 -13.26 5.90 -5.42
C THR A 12 -12.62 4.61 -5.91
N ALA A 13 -12.86 4.29 -7.17
CA ALA A 13 -12.31 3.08 -7.77
C ALA A 13 -10.79 3.03 -7.60
N PHE A 14 -10.15 4.19 -7.75
CA PHE A 14 -8.70 4.27 -7.61
C PHE A 14 -8.26 3.90 -6.20
N ARG A 15 -8.61 4.75 -5.24
CA ARG A 15 -8.25 4.51 -3.84
C ARG A 15 -8.74 3.14 -3.38
N GLN A 16 -9.94 2.76 -3.82
CA GLN A 16 -10.51 1.47 -3.46
C GLN A 16 -9.57 0.33 -3.83
N LYS A 17 -9.30 0.20 -5.13
CA LYS A 17 -8.42 -0.86 -5.62
C LYS A 17 -7.10 -0.86 -4.86
N LEU A 18 -6.49 0.32 -4.72
CA LEU A 18 -5.23 0.45 -4.01
C LEU A 18 -5.37 -0.03 -2.57
N VAL A 19 -6.47 0.33 -1.93
CA VAL A 19 -6.72 -0.06 -0.55
C VAL A 19 -6.67 -1.57 -0.40
N SER A 20 -7.28 -2.28 -1.34
CA SER A 20 -7.32 -3.73 -1.31
C SER A 20 -5.91 -4.32 -1.40
N GLN A 21 -5.10 -3.74 -2.29
CA GLN A 21 -3.73 -4.21 -2.48
C GLN A 21 -2.95 -4.16 -1.16
N ILE A 22 -2.99 -3.00 -0.50
CA ILE A 22 -2.30 -2.81 0.76
C ILE A 22 -2.79 -3.81 1.81
N GLU A 23 -4.09 -4.09 1.76
CA GLU A 23 -4.70 -5.03 2.71
C GLU A 23 -4.24 -6.45 2.44
N ASP A 24 -3.97 -6.75 1.17
CA ASP A 24 -3.52 -8.08 0.77
C ASP A 24 -2.08 -8.33 1.23
N ALA A 25 -1.19 -7.41 0.88
CA ALA A 25 0.21 -7.53 1.26
C ALA A 25 0.37 -7.64 2.77
N MET A 26 -0.37 -6.81 3.49
CA MET A 26 -0.30 -6.80 4.95
C MET A 26 -0.77 -8.14 5.52
N ARG A 27 -1.88 -8.65 4.99
CA ARG A 27 -2.43 -9.91 5.44
C ARG A 27 -1.36 -11.01 5.43
N LYS A 28 -0.73 -11.19 4.28
CA LYS A 28 0.32 -12.19 4.13
C LYS A 28 1.60 -11.76 4.84
N ALA A 29 1.75 -10.46 5.03
CA ALA A 29 2.93 -9.92 5.70
C ALA A 29 2.90 -10.21 7.20
N GLY A 30 1.69 -10.41 7.73
CA GLY A 30 1.54 -10.70 9.14
C GLY A 30 2.04 -9.56 10.02
N VAL A 31 1.23 -8.52 10.13
CA VAL A 31 1.59 -7.36 10.95
C VAL A 31 0.39 -6.84 11.73
N ALA A 32 0.65 -5.96 12.68
CA ALA A 32 -0.41 -5.39 13.50
C ALA A 32 0.14 -4.39 14.51
N HIS A 33 0.19 -3.12 14.11
CA HIS A 33 0.70 -2.06 14.97
C HIS A 33 0.42 -0.69 14.37
N SER A 34 -0.85 -0.30 14.37
CA SER A 34 -1.26 0.99 13.83
C SER A 34 -2.76 1.20 14.00
N LYS A 35 -3.55 0.51 13.19
CA LYS A 35 -5.00 0.62 13.25
C LYS A 35 -5.66 -0.37 12.30
N SER A 36 -5.51 -0.12 11.00
CA SER A 36 -6.10 -0.99 9.98
C SER A 36 -5.77 -0.47 8.59
N SER A 37 -5.89 -1.36 7.59
CA SER A 37 -5.61 -1.01 6.21
C SER A 37 -6.37 0.26 5.81
N LYS A 38 -7.68 0.24 6.02
CA LYS A 38 -8.51 1.38 5.68
C LYS A 38 -7.95 2.67 6.26
N ASP A 39 -7.51 2.60 7.52
CA ASP A 39 -6.95 3.76 8.19
C ASP A 39 -5.57 4.10 7.63
N MET A 40 -4.84 3.08 7.21
CA MET A 40 -3.51 3.26 6.65
C MET A 40 -3.58 4.01 5.32
N GLU A 41 -4.35 3.46 4.38
CA GLU A 41 -4.50 4.06 3.06
C GLU A 41 -5.12 5.45 3.17
N SER A 42 -6.04 5.61 4.12
CA SER A 42 -6.70 6.89 4.33
C SER A 42 -5.71 7.98 4.66
N HIS A 43 -4.81 7.69 5.60
CA HIS A 43 -3.79 8.66 6.01
C HIS A 43 -2.87 9.01 4.85
N VAL A 44 -2.50 8.00 4.08
CA VAL A 44 -1.61 8.20 2.93
C VAL A 44 -2.24 9.18 1.94
N PHE A 45 -3.54 9.10 1.78
CA PHE A 45 -4.27 9.98 0.86
C PHE A 45 -4.19 11.43 1.33
N LEU A 46 -4.68 11.67 2.54
CA LEU A 46 -4.67 13.02 3.11
C LEU A 46 -3.25 13.54 3.23
N LYS A 47 -2.28 12.64 3.20
CA LYS A 47 -0.88 13.03 3.31
C LYS A 47 -0.28 13.31 1.93
N ALA A 48 -0.77 12.58 0.93
CA ALA A 48 -0.28 12.76 -0.44
C ALA A 48 -0.81 14.05 -1.05
N LYS A 49 -0.05 14.62 -1.97
CA LYS A 49 -0.45 15.85 -2.64
C LYS A 49 -0.90 15.59 -4.07
N THR A 50 -0.42 14.49 -4.64
CA THR A 50 -0.77 14.12 -6.00
C THR A 50 -0.85 12.61 -6.16
N ARG A 51 -1.42 12.15 -7.28
CA ARG A 51 -1.55 10.73 -7.55
C ARG A 51 -0.21 10.03 -7.43
N ASP A 52 0.87 10.76 -7.69
CA ASP A 52 2.22 10.21 -7.61
C ASP A 52 2.64 10.00 -6.16
N GLU A 53 2.44 11.03 -5.35
CA GLU A 53 2.80 10.96 -3.93
C GLU A 53 2.18 9.74 -3.27
N TYR A 54 0.86 9.59 -3.43
CA TYR A 54 0.14 8.47 -2.85
C TYR A 54 0.64 7.15 -3.41
N LEU A 55 0.54 6.99 -4.73
CA LEU A 55 1.00 5.78 -5.39
C LEU A 55 2.42 5.41 -4.97
N SER A 56 3.21 6.43 -4.66
CA SER A 56 4.59 6.23 -4.24
C SER A 56 4.65 5.68 -2.82
N LEU A 57 4.04 6.40 -1.89
CA LEU A 57 4.03 5.99 -0.48
C LEU A 57 3.36 4.63 -0.33
N VAL A 58 2.32 4.39 -1.12
CA VAL A 58 1.60 3.12 -1.06
C VAL A 58 2.51 1.96 -1.48
N ALA A 59 3.05 2.05 -2.68
CA ALA A 59 3.94 1.01 -3.20
C ALA A 59 5.02 0.65 -2.18
N ARG A 60 5.76 1.65 -1.73
CA ARG A 60 6.83 1.44 -0.76
C ARG A 60 6.32 0.65 0.44
N LEU A 61 5.15 1.03 0.93
CA LEU A 61 4.54 0.36 2.08
C LEU A 61 4.32 -1.12 1.79
N ILE A 62 3.63 -1.40 0.69
CA ILE A 62 3.35 -2.78 0.29
C ILE A 62 4.65 -3.57 0.11
N ILE A 63 5.57 -3.00 -0.65
CA ILE A 63 6.86 -3.66 -0.90
C ILE A 63 7.56 -4.00 0.40
N HIS A 64 7.61 -3.03 1.31
CA HIS A 64 8.26 -3.23 2.60
C HIS A 64 7.64 -4.40 3.35
N PHE A 65 6.33 -4.57 3.19
CA PHE A 65 5.60 -5.65 3.85
C PHE A 65 6.01 -7.00 3.29
N ARG A 66 6.07 -7.09 1.96
CA ARG A 66 6.45 -8.33 1.30
C ARG A 66 7.85 -8.76 1.71
N ASP A 67 8.74 -7.79 1.90
CA ASP A 67 10.11 -8.07 2.30
C ASP A 67 10.17 -8.63 3.71
N ILE A 68 9.49 -7.96 4.64
CA ILE A 68 9.46 -8.39 6.04
C ILE A 68 9.05 -9.85 6.15
N HIS A 69 8.01 -10.23 5.42
CA HIS A 69 7.53 -11.61 5.43
C HIS A 69 8.60 -12.57 4.94
N ASN A 70 9.07 -12.35 3.72
CA ASN A 70 10.10 -13.20 3.14
C ASN A 70 11.32 -13.29 4.05
N LYS A 71 11.57 -12.22 4.80
CA LYS A 71 12.70 -12.19 5.72
C LYS A 71 14.03 -12.31 4.97
N LYS A 72 14.50 -11.20 4.43
CA LYS A 72 15.76 -11.19 3.69
C LYS A 72 16.88 -11.82 4.50
N SER A 73 16.80 -11.67 5.82
CA SER A 73 17.82 -12.22 6.71
C SER A 73 17.81 -13.74 6.66
N GLN A 74 18.97 -14.35 6.92
CA GLN A 74 19.10 -15.79 6.90
C GLN A 74 19.70 -16.31 8.21
N ALA A 75 19.79 -17.62 8.34
CA ALA A 75 20.35 -18.24 9.53
C ALA A 75 21.74 -17.69 9.82
N SER A 76 22.49 -17.38 8.77
CA SER A 76 23.84 -16.85 8.93
C SER A 76 23.84 -15.59 9.78
N VAL A 77 24.23 -15.74 11.04
CA VAL A 77 24.28 -14.61 11.96
C VAL A 77 25.71 -14.34 12.42
N GLY A 1 -9.40 -5.93 -11.86
CA GLY A 1 -10.37 -5.54 -12.87
C GLY A 1 -9.80 -4.57 -13.87
N ALA A 2 -8.95 -3.66 -13.41
CA ALA A 2 -8.33 -2.67 -14.28
C ALA A 2 -6.82 -2.83 -14.29
N MET A 3 -6.14 -1.98 -15.06
CA MET A 3 -4.69 -2.02 -15.16
C MET A 3 -4.08 -0.68 -14.76
N GLY A 4 -4.76 0.04 -13.88
CA GLY A 4 -4.27 1.33 -13.44
C GLY A 4 -4.83 2.48 -14.26
N GLN A 5 -4.65 3.70 -13.76
CA GLN A 5 -5.15 4.88 -14.45
C GLN A 5 -4.10 5.99 -14.46
N GLU A 6 -4.48 7.15 -14.99
CA GLU A 6 -3.56 8.28 -15.07
C GLU A 6 -4.32 9.60 -14.88
N THR A 7 -5.40 9.55 -14.12
CA THR A 7 -6.21 10.73 -13.87
C THR A 7 -7.31 10.44 -12.86
N ASP A 8 -7.80 11.50 -12.21
CA ASP A 8 -8.86 11.35 -11.21
C ASP A 8 -8.48 10.32 -10.16
N TRP A 9 -7.37 10.56 -9.47
CA TRP A 9 -6.90 9.65 -8.43
C TRP A 9 -7.71 9.81 -7.15
N ARG A 10 -8.62 10.78 -7.15
CA ARG A 10 -9.45 11.04 -5.99
C ARG A 10 -10.73 10.21 -6.04
N SER A 11 -10.79 9.27 -6.98
CA SER A 11 -11.95 8.42 -7.14
C SER A 11 -11.90 7.24 -6.17
N THR A 12 -13.07 6.85 -5.66
CA THR A 12 -13.16 5.74 -4.72
C THR A 12 -12.55 4.47 -5.30
N ALA A 13 -12.94 4.14 -6.53
CA ALA A 13 -12.41 2.95 -7.19
C ALA A 13 -10.89 2.95 -7.19
N PHE A 14 -10.29 4.12 -7.36
CA PHE A 14 -8.84 4.25 -7.38
C PHE A 14 -8.25 3.88 -6.03
N ARG A 15 -8.50 4.73 -5.03
CA ARG A 15 -7.99 4.49 -3.69
C ARG A 15 -8.39 3.11 -3.19
N GLN A 16 -9.61 2.70 -3.51
CA GLN A 16 -10.11 1.40 -3.08
C GLN A 16 -9.18 0.28 -3.55
N LYS A 17 -9.03 0.14 -4.85
CA LYS A 17 -8.16 -0.88 -5.43
C LYS A 17 -6.77 -0.84 -4.79
N LEU A 18 -6.20 0.35 -4.72
CA LEU A 18 -4.88 0.52 -4.13
C LEU A 18 -4.85 0.04 -2.68
N VAL A 19 -5.91 0.37 -1.94
CA VAL A 19 -6.01 -0.03 -0.54
C VAL A 19 -5.93 -1.54 -0.40
N SER A 20 -6.64 -2.25 -1.26
CA SER A 20 -6.66 -3.72 -1.23
C SER A 20 -5.25 -4.27 -1.44
N GLN A 21 -4.52 -3.68 -2.40
CA GLN A 21 -3.17 -4.11 -2.70
C GLN A 21 -2.29 -4.05 -1.46
N ILE A 22 -2.27 -2.89 -0.80
CA ILE A 22 -1.46 -2.71 0.39
C ILE A 22 -1.86 -3.70 1.49
N GLU A 23 -3.15 -3.99 1.56
CA GLU A 23 -3.66 -4.92 2.56
C GLU A 23 -3.24 -6.35 2.24
N ASP A 24 -3.11 -6.65 0.95
CA ASP A 24 -2.72 -7.99 0.51
C ASP A 24 -1.24 -8.22 0.80
N ALA A 25 -0.40 -7.29 0.37
CA ALA A 25 1.04 -7.40 0.58
C ALA A 25 1.37 -7.53 2.07
N MET A 26 0.72 -6.70 2.88
CA MET A 26 0.95 -6.73 4.32
C MET A 26 0.55 -8.07 4.91
N ARG A 27 -0.61 -8.58 4.52
CA ARG A 27 -1.10 -9.86 5.01
C ARG A 27 -0.03 -10.94 4.85
N LYS A 28 0.48 -11.10 3.63
CA LYS A 28 1.50 -12.10 3.35
C LYS A 28 2.85 -11.67 3.91
N ALA A 29 3.02 -10.37 4.11
CA ALA A 29 4.26 -9.82 4.65
C ALA A 29 4.41 -10.16 6.13
N GLY A 30 3.29 -10.45 6.79
CA GLY A 30 3.33 -10.78 8.20
C GLY A 30 4.07 -9.74 9.02
N VAL A 31 3.39 -8.64 9.32
CA VAL A 31 3.99 -7.57 10.12
C VAL A 31 3.11 -7.19 11.30
N ALA A 32 3.54 -6.20 12.07
CA ALA A 32 2.79 -5.75 13.23
C ALA A 32 3.11 -4.30 13.56
N HIS A 33 2.65 -3.84 14.72
CA HIS A 33 2.90 -2.47 15.16
C HIS A 33 2.35 -1.47 14.15
N SER A 34 1.03 -1.32 14.12
CA SER A 34 0.38 -0.40 13.20
C SER A 34 -1.14 -0.40 13.41
N LYS A 35 -1.78 0.68 12.98
CA LYS A 35 -3.23 0.80 13.10
C LYS A 35 -3.95 -0.21 12.20
N SER A 36 -3.87 0.01 10.90
CA SER A 36 -4.51 -0.87 9.94
C SER A 36 -4.29 -0.37 8.51
N SER A 37 -4.45 -1.26 7.54
CA SER A 37 -4.27 -0.92 6.14
C SER A 37 -5.09 0.33 5.77
N LYS A 38 -6.37 0.30 6.10
CA LYS A 38 -7.27 1.41 5.81
C LYS A 38 -6.69 2.72 6.33
N ASP A 39 -6.13 2.67 7.54
CA ASP A 39 -5.54 3.86 8.16
C ASP A 39 -4.22 4.20 7.49
N MET A 40 -3.51 3.19 7.03
CA MET A 40 -2.22 3.40 6.37
C MET A 40 -2.40 4.09 5.02
N GLU A 41 -3.26 3.53 4.18
CA GLU A 41 -3.52 4.09 2.86
C GLU A 41 -4.14 5.48 2.98
N SER A 42 -5.00 5.66 3.97
CA SER A 42 -5.66 6.94 4.18
C SER A 42 -4.64 8.04 4.46
N HIS A 43 -3.68 7.74 5.33
CA HIS A 43 -2.64 8.70 5.69
C HIS A 43 -1.80 9.06 4.46
N VAL A 44 -1.47 8.05 3.65
CA VAL A 44 -0.68 8.26 2.45
C VAL A 44 -1.35 9.27 1.52
N PHE A 45 -2.66 9.14 1.36
CA PHE A 45 -3.42 10.03 0.49
C PHE A 45 -3.34 11.47 0.99
N LEU A 46 -3.80 11.69 2.23
CA LEU A 46 -3.77 13.03 2.81
C LEU A 46 -2.35 13.57 2.88
N LYS A 47 -1.37 12.66 2.83
CA LYS A 47 0.03 13.06 2.88
C LYS A 47 0.57 13.34 1.48
N ALA A 48 -0.08 12.76 0.48
CA ALA A 48 0.33 12.97 -0.91
C ALA A 48 -0.24 14.26 -1.47
N LYS A 49 0.43 14.81 -2.48
CA LYS A 49 -0.01 16.05 -3.11
C LYS A 49 -0.66 15.76 -4.47
N THR A 50 -0.29 14.64 -5.07
CA THR A 50 -0.83 14.27 -6.37
C THR A 50 -0.87 12.75 -6.52
N ARG A 51 -1.54 12.28 -7.58
CA ARG A 51 -1.66 10.85 -7.83
C ARG A 51 -0.29 10.19 -7.85
N ASP A 52 0.73 10.95 -8.21
CA ASP A 52 2.09 10.44 -8.27
C ASP A 52 2.65 10.21 -6.87
N GLU A 53 2.54 11.23 -6.02
CA GLU A 53 3.03 11.13 -4.65
C GLU A 53 2.47 9.90 -3.96
N TYR A 54 1.15 9.74 -4.01
CA TYR A 54 0.49 8.60 -3.38
C TYR A 54 0.95 7.29 -4.01
N LEU A 55 0.76 7.16 -5.32
CA LEU A 55 1.15 5.95 -6.03
C LEU A 55 2.61 5.59 -5.73
N SER A 56 3.41 6.61 -5.46
CA SER A 56 4.83 6.42 -5.15
C SER A 56 5.01 5.86 -3.74
N LEU A 57 4.47 6.57 -2.76
CA LEU A 57 4.56 6.15 -1.37
C LEU A 57 3.93 4.77 -1.17
N VAL A 58 2.83 4.52 -1.88
CA VAL A 58 2.14 3.25 -1.78
C VAL A 58 3.01 2.10 -2.29
N ALA A 59 3.44 2.21 -3.54
CA ALA A 59 4.28 1.18 -4.14
C ALA A 59 5.46 0.84 -3.24
N ARG A 60 6.23 1.85 -2.87
CA ARG A 60 7.39 1.65 -2.02
C ARG A 60 7.02 0.86 -0.77
N LEU A 61 5.90 1.22 -0.15
CA LEU A 61 5.43 0.53 1.05
C LEU A 61 5.20 -0.96 0.77
N ILE A 62 4.40 -1.24 -0.26
CA ILE A 62 4.11 -2.62 -0.63
C ILE A 62 5.39 -3.39 -0.94
N ILE A 63 6.23 -2.81 -1.79
CA ILE A 63 7.49 -3.44 -2.18
C ILE A 63 8.33 -3.76 -0.95
N HIS A 64 8.45 -2.80 -0.04
CA HIS A 64 9.23 -2.99 1.17
C HIS A 64 8.70 -4.18 1.98
N PHE A 65 7.39 -4.37 1.94
CA PHE A 65 6.75 -5.46 2.67
C PHE A 65 7.13 -6.81 2.06
N ARG A 66 7.04 -6.89 0.74
CA ARG A 66 7.37 -8.13 0.03
C ARG A 66 8.82 -8.52 0.27
N ASP A 67 9.68 -7.53 0.46
CA ASP A 67 11.09 -7.77 0.70
C ASP A 67 11.33 -8.32 2.10
N ILE A 68 10.74 -7.65 3.09
CA ILE A 68 10.88 -8.08 4.49
C ILE A 68 10.53 -9.55 4.65
N HIS A 69 9.40 -9.95 4.08
CA HIS A 69 8.95 -11.34 4.16
C HIS A 69 9.79 -12.23 3.24
N ASN A 70 10.29 -11.65 2.16
CA ASN A 70 11.10 -12.39 1.20
C ASN A 70 12.41 -12.86 1.83
N LYS A 71 12.87 -12.12 2.84
CA LYS A 71 14.11 -12.46 3.53
C LYS A 71 14.00 -13.82 4.19
N LYS A 72 14.99 -14.14 5.03
CA LYS A 72 15.00 -15.42 5.74
C LYS A 72 13.68 -15.66 6.46
N SER A 73 13.32 -14.73 7.34
CA SER A 73 12.09 -14.83 8.10
C SER A 73 11.89 -13.61 9.01
N GLN A 74 12.66 -13.56 10.08
CA GLN A 74 12.58 -12.45 11.03
C GLN A 74 11.14 -12.26 11.52
N ALA A 75 10.38 -13.35 11.54
CA ALA A 75 9.00 -13.31 11.99
C ALA A 75 8.40 -14.70 12.07
N SER A 76 7.09 -14.78 12.26
CA SER A 76 6.40 -16.06 12.36
C SER A 76 5.58 -16.33 11.09
N VAL A 77 5.70 -17.56 10.58
CA VAL A 77 4.98 -17.95 9.38
C VAL A 77 4.64 -19.44 9.39
N GLY A 1 -0.55 -4.85 -11.70
CA GLY A 1 -0.54 -3.43 -12.01
C GLY A 1 -1.34 -3.11 -13.26
N ALA A 2 -2.42 -3.86 -13.48
CA ALA A 2 -3.27 -3.65 -14.64
C ALA A 2 -4.07 -2.36 -14.50
N MET A 3 -4.07 -1.54 -15.56
CA MET A 3 -4.81 -0.28 -15.56
C MET A 3 -4.26 0.66 -14.49
N GLY A 4 -3.44 1.63 -14.92
CA GLY A 4 -2.86 2.58 -13.99
C GLY A 4 -2.48 3.88 -14.67
N GLN A 5 -3.43 4.48 -15.37
CA GLN A 5 -3.18 5.74 -16.07
C GLN A 5 -4.43 6.62 -16.07
N GLU A 6 -4.40 7.68 -15.27
CA GLU A 6 -5.54 8.59 -15.18
C GLU A 6 -5.22 9.77 -14.26
N THR A 7 -6.04 10.80 -14.32
CA THR A 7 -5.84 11.99 -13.51
C THR A 7 -6.86 12.06 -12.37
N ASP A 8 -7.35 10.89 -11.95
CA ASP A 8 -8.32 10.82 -10.88
C ASP A 8 -7.95 9.74 -9.86
N TRP A 9 -6.84 9.96 -9.16
CA TRP A 9 -6.37 8.99 -8.16
C TRP A 9 -7.22 9.06 -6.90
N ARG A 10 -8.13 10.03 -6.85
CA ARG A 10 -9.00 10.19 -5.69
C ARG A 10 -10.28 9.38 -5.85
N SER A 11 -10.50 8.86 -7.06
CA SER A 11 -11.70 8.07 -7.35
C SER A 11 -11.82 6.90 -6.37
N THR A 12 -13.05 6.59 -5.98
CA THR A 12 -13.30 5.50 -5.05
C THR A 12 -12.62 4.22 -5.51
N ALA A 13 -12.83 3.86 -6.77
CA ALA A 13 -12.23 2.66 -7.33
C ALA A 13 -10.72 2.64 -7.12
N PHE A 14 -10.07 3.73 -7.50
CA PHE A 14 -8.62 3.84 -7.35
C PHE A 14 -8.19 3.50 -5.92
N ARG A 15 -8.55 4.37 -4.99
CA ARG A 15 -8.21 4.18 -3.58
C ARG A 15 -8.65 2.80 -3.11
N GLN A 16 -9.89 2.44 -3.43
CA GLN A 16 -10.44 1.14 -3.03
C GLN A 16 -9.49 0.01 -3.42
N LYS A 17 -9.22 -0.10 -4.72
CA LYS A 17 -8.33 -1.15 -5.23
C LYS A 17 -7.02 -1.15 -4.47
N LEU A 18 -6.41 0.02 -4.33
CA LEU A 18 -5.14 0.14 -3.61
C LEU A 18 -5.27 -0.37 -2.18
N VAL A 19 -6.34 0.04 -1.50
CA VAL A 19 -6.57 -0.38 -0.13
C VAL A 19 -6.48 -1.90 0.01
N SER A 20 -7.12 -2.61 -0.91
CA SER A 20 -7.10 -4.07 -0.89
C SER A 20 -5.68 -4.61 -1.02
N GLN A 21 -4.93 -4.05 -1.97
CA GLN A 21 -3.55 -4.47 -2.19
C GLN A 21 -2.74 -4.39 -0.90
N ILE A 22 -2.82 -3.23 -0.24
CA ILE A 22 -2.09 -3.02 1.00
C ILE A 22 -2.51 -4.02 2.06
N GLU A 23 -3.79 -4.40 2.05
CA GLU A 23 -4.31 -5.36 3.02
C GLU A 23 -3.80 -6.76 2.72
N ASP A 24 -3.51 -7.03 1.45
CA ASP A 24 -3.00 -8.34 1.05
C ASP A 24 -1.55 -8.51 1.45
N ALA A 25 -0.72 -7.52 1.13
CA ALA A 25 0.69 -7.56 1.47
C ALA A 25 0.90 -7.65 2.98
N MET A 26 0.13 -6.87 3.72
CA MET A 26 0.23 -6.86 5.17
C MET A 26 -0.19 -8.22 5.75
N ARG A 27 -1.29 -8.76 5.25
CA ARG A 27 -1.79 -10.04 5.72
C ARG A 27 -0.70 -11.10 5.67
N LYS A 28 -0.08 -11.26 4.51
CA LYS A 28 0.98 -12.24 4.33
C LYS A 28 2.26 -11.79 5.03
N ALA A 29 2.44 -10.48 5.12
CA ALA A 29 3.62 -9.93 5.77
C ALA A 29 3.67 -10.31 7.25
N GLY A 30 2.49 -10.56 7.83
CA GLY A 30 2.43 -10.93 9.23
C GLY A 30 3.17 -9.97 10.13
N VAL A 31 2.54 -8.85 10.45
CA VAL A 31 3.16 -7.84 11.31
C VAL A 31 2.21 -7.42 12.43
N ALA A 32 0.95 -7.21 12.08
CA ALA A 32 -0.06 -6.82 13.06
C ALA A 32 0.42 -5.62 13.88
N HIS A 33 1.00 -4.63 13.20
CA HIS A 33 1.49 -3.44 13.87
C HIS A 33 1.32 -2.21 12.99
N SER A 34 0.14 -2.06 12.39
CA SER A 34 -0.15 -0.94 11.52
C SER A 34 -1.64 -0.59 11.56
N LYS A 35 -2.32 -1.05 12.60
CA LYS A 35 -3.75 -0.78 12.77
C LYS A 35 -4.56 -1.58 11.76
N SER A 36 -4.47 -1.20 10.49
CA SER A 36 -5.20 -1.88 9.43
C SER A 36 -4.94 -1.23 8.07
N SER A 37 -5.11 -2.00 7.00
CA SER A 37 -4.89 -1.50 5.65
C SER A 37 -5.66 -0.20 5.43
N LYS A 38 -6.88 -0.14 5.93
CA LYS A 38 -7.73 1.05 5.78
C LYS A 38 -7.08 2.25 6.45
N ASP A 39 -6.55 2.04 7.65
CA ASP A 39 -5.90 3.12 8.40
C ASP A 39 -4.58 3.51 7.75
N MET A 40 -3.85 2.51 7.25
CA MET A 40 -2.58 2.75 6.61
C MET A 40 -2.75 3.52 5.30
N GLU A 41 -3.69 3.06 4.47
CA GLU A 41 -3.96 3.71 3.19
C GLU A 41 -4.33 5.18 3.39
N SER A 42 -5.33 5.42 4.25
CA SER A 42 -5.79 6.77 4.53
C SER A 42 -4.61 7.68 4.90
N HIS A 43 -3.81 7.22 5.87
CA HIS A 43 -2.65 8.00 6.30
C HIS A 43 -1.77 8.38 5.13
N VAL A 44 -1.59 7.46 4.20
CA VAL A 44 -0.77 7.71 3.01
C VAL A 44 -1.42 8.72 2.09
N PHE A 45 -2.72 8.51 1.81
CA PHE A 45 -3.46 9.41 0.94
C PHE A 45 -3.31 10.86 1.39
N LEU A 46 -3.45 11.08 2.69
CA LEU A 46 -3.33 12.42 3.25
C LEU A 46 -1.87 12.87 3.31
N LYS A 47 -0.97 11.90 3.39
CA LYS A 47 0.46 12.18 3.43
C LYS A 47 1.00 12.50 2.04
N ALA A 48 0.24 12.13 1.02
CA ALA A 48 0.64 12.38 -0.37
C ALA A 48 0.01 13.67 -0.90
N LYS A 49 0.70 14.31 -1.82
CA LYS A 49 0.21 15.55 -2.42
C LYS A 49 -0.36 15.30 -3.81
N THR A 50 0.09 14.23 -4.45
CA THR A 50 -0.38 13.87 -5.78
C THR A 50 -0.46 12.36 -5.95
N ARG A 51 -1.08 11.93 -7.04
CA ARG A 51 -1.22 10.51 -7.33
C ARG A 51 0.13 9.81 -7.33
N ASP A 52 1.19 10.57 -7.60
CA ASP A 52 2.54 10.02 -7.64
C ASP A 52 3.06 9.79 -6.22
N GLU A 53 3.01 10.83 -5.39
CA GLU A 53 3.48 10.72 -4.01
C GLU A 53 2.86 9.52 -3.31
N TYR A 54 1.57 9.30 -3.57
CA TYR A 54 0.86 8.18 -2.96
C TYR A 54 1.32 6.85 -3.54
N LEU A 55 1.14 6.70 -4.86
CA LEU A 55 1.55 5.48 -5.54
C LEU A 55 2.98 5.10 -5.20
N SER A 56 3.81 6.11 -4.94
CA SER A 56 5.21 5.89 -4.60
C SER A 56 5.33 5.30 -3.19
N LEU A 57 4.77 5.99 -2.21
CA LEU A 57 4.83 5.53 -0.83
C LEU A 57 4.17 4.17 -0.68
N VAL A 58 2.99 4.00 -1.29
CA VAL A 58 2.26 2.75 -1.23
C VAL A 58 3.12 1.59 -1.73
N ALA A 59 3.68 1.75 -2.93
CA ALA A 59 4.52 0.71 -3.53
C ALA A 59 5.61 0.27 -2.55
N ARG A 60 6.44 1.21 -2.12
CA ARG A 60 7.52 0.91 -1.19
C ARG A 60 6.99 0.15 0.02
N LEU A 61 5.81 0.55 0.50
CA LEU A 61 5.20 -0.09 1.66
C LEU A 61 4.82 -1.53 1.35
N ILE A 62 4.11 -1.73 0.24
CA ILE A 62 3.69 -3.06 -0.18
C ILE A 62 4.89 -3.97 -0.41
N ILE A 63 5.83 -3.50 -1.21
CA ILE A 63 7.03 -4.26 -1.51
C ILE A 63 7.73 -4.72 -0.25
N HIS A 64 7.78 -3.84 0.75
CA HIS A 64 8.42 -4.15 2.03
C HIS A 64 7.66 -5.26 2.75
N PHE A 65 6.34 -5.24 2.64
CA PHE A 65 5.50 -6.24 3.28
C PHE A 65 5.70 -7.61 2.64
N ARG A 66 5.66 -7.65 1.31
CA ARG A 66 5.82 -8.90 0.57
C ARG A 66 7.15 -9.56 0.93
N ASP A 67 8.20 -8.75 1.05
CA ASP A 67 9.53 -9.24 1.38
C ASP A 67 9.53 -9.90 2.76
N ILE A 68 9.00 -9.18 3.74
CA ILE A 68 8.94 -9.69 5.11
C ILE A 68 8.30 -11.07 5.15
N HIS A 69 7.23 -11.25 4.38
CA HIS A 69 6.53 -12.52 4.34
C HIS A 69 7.44 -13.63 3.84
N ASN A 70 8.03 -13.43 2.65
CA ASN A 70 8.93 -14.41 2.06
C ASN A 70 10.15 -14.62 2.94
N LYS A 71 10.49 -13.60 3.73
CA LYS A 71 11.65 -13.68 4.62
C LYS A 71 12.92 -13.99 3.84
N LYS A 72 13.32 -13.06 2.98
CA LYS A 72 14.52 -13.22 2.17
C LYS A 72 15.24 -11.89 1.99
N SER A 73 16.32 -11.70 2.75
CA SER A 73 17.10 -10.48 2.67
C SER A 73 16.22 -9.26 2.96
N GLN A 74 15.83 -9.10 4.23
CA GLN A 74 15.00 -7.98 4.63
C GLN A 74 15.64 -7.22 5.80
N ALA A 75 15.04 -6.09 6.15
CA ALA A 75 15.55 -5.26 7.24
C ALA A 75 14.56 -5.23 8.40
N SER A 76 15.02 -4.74 9.55
CA SER A 76 14.19 -4.66 10.74
C SER A 76 13.15 -3.55 10.60
N VAL A 77 13.62 -2.34 10.28
CA VAL A 77 12.72 -1.20 10.11
C VAL A 77 12.93 -0.54 8.75
N GLY A 1 -16.07 0.42 -8.72
CA GLY A 1 -16.62 0.80 -10.01
C GLY A 1 -15.54 1.25 -10.98
N ALA A 2 -15.94 1.99 -12.00
CA ALA A 2 -15.01 2.48 -13.00
C ALA A 2 -14.18 1.35 -13.59
N MET A 3 -13.17 1.71 -14.38
CA MET A 3 -12.30 0.72 -15.01
C MET A 3 -10.86 0.90 -14.56
N GLY A 4 -10.25 2.01 -14.98
CA GLY A 4 -8.87 2.27 -14.62
C GLY A 4 -8.33 3.54 -15.27
N GLN A 5 -7.48 3.36 -16.27
CA GLN A 5 -6.89 4.49 -16.97
C GLN A 5 -6.04 5.35 -16.04
N GLU A 6 -5.37 6.35 -16.60
CA GLU A 6 -4.52 7.23 -15.81
C GLU A 6 -5.29 8.47 -15.36
N THR A 7 -4.61 9.37 -14.66
CA THR A 7 -5.23 10.59 -14.17
C THR A 7 -6.36 10.28 -13.19
N ASP A 8 -6.83 11.31 -12.51
CA ASP A 8 -7.92 11.15 -11.54
C ASP A 8 -7.58 10.06 -10.52
N TRP A 9 -6.42 10.19 -9.90
CA TRP A 9 -5.97 9.21 -8.90
C TRP A 9 -6.95 9.16 -7.73
N ARG A 10 -7.75 10.20 -7.59
CA ARG A 10 -8.73 10.27 -6.51
C ARG A 10 -9.86 9.27 -6.74
N SER A 11 -9.91 8.70 -7.93
CA SER A 11 -10.94 7.73 -8.28
C SER A 11 -10.98 6.58 -7.27
N THR A 12 -12.18 6.15 -6.91
CA THR A 12 -12.35 5.05 -5.96
C THR A 12 -11.57 3.82 -6.41
N ALA A 13 -11.73 3.46 -7.68
CA ALA A 13 -11.05 2.29 -8.23
C ALA A 13 -9.54 2.38 -7.99
N PHE A 14 -8.99 3.58 -8.12
CA PHE A 14 -7.56 3.80 -7.92
C PHE A 14 -7.17 3.48 -6.48
N ARG A 15 -7.63 4.30 -5.56
CA ARG A 15 -7.32 4.12 -4.14
C ARG A 15 -7.70 2.71 -3.68
N GLN A 16 -8.84 2.23 -4.18
CA GLN A 16 -9.32 0.90 -3.81
C GLN A 16 -8.27 -0.17 -4.12
N LYS A 17 -7.93 -0.29 -5.40
CA LYS A 17 -6.93 -1.27 -5.84
C LYS A 17 -5.66 -1.15 -5.02
N LEU A 18 -5.18 0.07 -4.86
CA LEU A 18 -3.96 0.32 -4.09
C LEU A 18 -4.12 -0.15 -2.65
N VAL A 19 -5.29 0.12 -2.06
CA VAL A 19 -5.56 -0.29 -0.70
C VAL A 19 -5.41 -1.79 -0.53
N SER A 20 -5.93 -2.55 -1.49
CA SER A 20 -5.85 -4.01 -1.45
C SER A 20 -4.40 -4.48 -1.46
N GLN A 21 -3.58 -3.85 -2.31
CA GLN A 21 -2.17 -4.20 -2.42
C GLN A 21 -1.48 -4.09 -1.07
N ILE A 22 -1.64 -2.93 -0.42
CA ILE A 22 -1.02 -2.70 0.88
C ILE A 22 -1.51 -3.71 1.91
N GLU A 23 -2.78 -4.09 1.81
CA GLU A 23 -3.36 -5.06 2.73
C GLU A 23 -2.80 -6.46 2.48
N ASP A 24 -2.51 -6.75 1.21
CA ASP A 24 -1.97 -8.05 0.83
C ASP A 24 -0.52 -8.20 1.30
N ALA A 25 0.30 -7.20 0.99
CA ALA A 25 1.70 -7.22 1.39
C ALA A 25 1.86 -7.34 2.90
N MET A 26 1.04 -6.59 3.63
CA MET A 26 1.08 -6.60 5.09
C MET A 26 0.70 -7.98 5.62
N ARG A 27 -0.36 -8.56 5.07
CA ARG A 27 -0.83 -9.88 5.49
C ARG A 27 0.32 -10.89 5.47
N LYS A 28 0.99 -10.99 4.32
CA LYS A 28 2.10 -11.92 4.16
C LYS A 28 3.33 -11.42 4.90
N ALA A 29 3.40 -10.10 5.11
CA ALA A 29 4.52 -9.49 5.79
C ALA A 29 4.57 -9.92 7.25
N GLY A 30 3.41 -10.22 7.82
CA GLY A 30 3.34 -10.65 9.21
C GLY A 30 3.80 -9.56 10.16
N VAL A 31 2.92 -8.59 10.41
CA VAL A 31 3.23 -7.49 11.30
C VAL A 31 2.19 -7.36 12.41
N ALA A 32 1.02 -6.85 12.05
CA ALA A 32 -0.06 -6.68 13.02
C ALA A 32 0.34 -5.73 14.14
N HIS A 33 -0.01 -4.46 13.98
CA HIS A 33 0.31 -3.45 14.98
C HIS A 33 -0.50 -2.18 14.74
N SER A 34 -0.23 -1.50 13.63
CA SER A 34 -0.93 -0.28 13.29
C SER A 34 -2.45 -0.48 13.31
N LYS A 35 -3.19 0.61 13.16
CA LYS A 35 -4.65 0.55 13.17
C LYS A 35 -5.14 -0.50 12.17
N SER A 36 -4.96 -0.22 10.88
CA SER A 36 -5.39 -1.14 9.83
C SER A 36 -5.05 -0.58 8.45
N SER A 37 -5.03 -1.47 7.45
CA SER A 37 -4.71 -1.07 6.10
C SER A 37 -5.56 0.12 5.65
N LYS A 38 -6.88 -0.03 5.79
CA LYS A 38 -7.80 1.02 5.40
C LYS A 38 -7.39 2.37 6.02
N ASP A 39 -6.99 2.32 7.29
CA ASP A 39 -6.58 3.52 8.00
C ASP A 39 -5.22 3.99 7.51
N MET A 40 -4.36 3.04 7.14
CA MET A 40 -3.03 3.36 6.65
C MET A 40 -3.09 4.06 5.30
N GLU A 41 -3.75 3.41 4.34
CA GLU A 41 -3.88 3.98 2.99
C GLU A 41 -4.61 5.32 3.04
N SER A 42 -5.62 5.41 3.90
CA SER A 42 -6.41 6.62 4.04
C SER A 42 -5.52 7.80 4.43
N HIS A 43 -4.69 7.60 5.45
CA HIS A 43 -3.79 8.63 5.93
C HIS A 43 -2.83 9.08 4.82
N VAL A 44 -2.33 8.11 4.06
CA VAL A 44 -1.41 8.39 2.97
C VAL A 44 -2.05 9.30 1.93
N PHE A 45 -3.34 9.11 1.70
CA PHE A 45 -4.07 9.92 0.72
C PHE A 45 -4.15 11.37 1.18
N LEU A 46 -4.71 11.58 2.36
CA LEU A 46 -4.86 12.93 2.91
C LEU A 46 -3.49 13.59 3.10
N LYS A 47 -2.44 12.76 3.16
CA LYS A 47 -1.08 13.26 3.33
C LYS A 47 -0.45 13.59 1.98
N ALA A 48 -0.81 12.81 0.96
CA ALA A 48 -0.26 13.02 -0.38
C ALA A 48 -0.89 14.25 -1.02
N LYS A 49 -0.12 14.88 -1.92
CA LYS A 49 -0.60 16.07 -2.62
C LYS A 49 -0.95 15.75 -4.06
N THR A 50 -0.34 14.71 -4.60
CA THR A 50 -0.60 14.29 -5.98
C THR A 50 -0.53 12.78 -6.12
N ARG A 51 -1.00 12.28 -7.25
CA ARG A 51 -1.00 10.84 -7.51
C ARG A 51 0.40 10.26 -7.31
N ASP A 52 1.41 11.08 -7.53
CA ASP A 52 2.80 10.65 -7.38
C ASP A 52 3.16 10.48 -5.91
N GLU A 53 2.84 11.49 -5.11
CA GLU A 53 3.13 11.45 -3.68
C GLU A 53 2.56 10.18 -3.05
N TYR A 54 1.29 9.93 -3.27
CA TYR A 54 0.62 8.76 -2.72
C TYR A 54 1.27 7.47 -3.24
N LEU A 55 1.26 7.31 -4.56
CA LEU A 55 1.83 6.13 -5.18
C LEU A 55 3.26 5.89 -4.68
N SER A 56 3.94 6.98 -4.34
CA SER A 56 5.32 6.89 -3.85
C SER A 56 5.34 6.36 -2.41
N LEU A 57 4.63 7.03 -1.52
CA LEU A 57 4.57 6.63 -0.12
C LEU A 57 4.02 5.21 0.01
N VAL A 58 3.04 4.88 -0.81
CA VAL A 58 2.42 3.56 -0.79
C VAL A 58 3.44 2.48 -1.15
N ALA A 59 4.05 2.61 -2.33
CA ALA A 59 5.04 1.65 -2.78
C ALA A 59 6.09 1.39 -1.71
N ARG A 60 6.73 2.46 -1.25
CA ARG A 60 7.76 2.36 -0.23
C ARG A 60 7.27 1.53 0.96
N LEU A 61 6.04 1.79 1.39
CA LEU A 61 5.45 1.06 2.52
C LEU A 61 5.38 -0.43 2.22
N ILE A 62 4.75 -0.78 1.10
CA ILE A 62 4.62 -2.17 0.70
C ILE A 62 5.98 -2.84 0.58
N ILE A 63 6.88 -2.20 -0.16
CA ILE A 63 8.23 -2.74 -0.36
C ILE A 63 8.91 -3.02 0.98
N HIS A 64 8.79 -2.07 1.91
CA HIS A 64 9.39 -2.22 3.23
C HIS A 64 8.84 -3.44 3.94
N PHE A 65 7.56 -3.72 3.72
CA PHE A 65 6.91 -4.87 4.34
C PHE A 65 7.47 -6.19 3.80
N ARG A 66 7.62 -6.25 2.48
CA ARG A 66 8.15 -7.45 1.83
C ARG A 66 9.56 -7.75 2.32
N ASP A 67 10.35 -6.71 2.55
CA ASP A 67 11.72 -6.86 3.02
C ASP A 67 11.74 -7.42 4.44
N ILE A 68 10.96 -6.81 5.33
CA ILE A 68 10.90 -7.26 6.72
C ILE A 68 10.62 -8.75 6.81
N HIS A 69 9.63 -9.21 6.05
CA HIS A 69 9.27 -10.62 6.04
C HIS A 69 10.27 -11.43 5.21
N ASN A 70 10.92 -10.78 4.27
CA ASN A 70 11.89 -11.44 3.41
C ASN A 70 13.09 -11.92 4.23
N LYS A 71 13.41 -11.19 5.29
CA LYS A 71 14.53 -11.54 6.16
C LYS A 71 14.43 -12.99 6.63
N LYS A 72 15.51 -13.49 7.20
CA LYS A 72 15.54 -14.87 7.70
C LYS A 72 14.35 -15.14 8.61
N SER A 73 13.36 -15.85 8.09
CA SER A 73 12.17 -16.18 8.86
C SER A 73 11.45 -17.39 8.25
N GLN A 74 12.23 -18.38 7.82
CA GLN A 74 11.66 -19.58 7.21
C GLN A 74 10.80 -19.24 6.00
N ALA A 75 11.43 -18.70 4.96
CA ALA A 75 10.71 -18.32 3.75
C ALA A 75 11.38 -18.91 2.51
N SER A 76 10.82 -18.61 1.35
CA SER A 76 11.37 -19.11 0.09
C SER A 76 11.19 -18.08 -1.02
N VAL A 77 12.31 -17.46 -1.41
CA VAL A 77 12.27 -16.46 -2.47
C VAL A 77 13.38 -16.70 -3.49
N GLY A 1 -2.09 -8.33 -10.61
CA GLY A 1 -1.14 -7.27 -10.91
C GLY A 1 -0.50 -6.70 -9.66
N ALA A 2 0.73 -6.24 -9.78
CA ALA A 2 1.45 -5.67 -8.65
C ALA A 2 1.65 -4.17 -8.82
N MET A 3 2.04 -3.76 -10.03
CA MET A 3 2.26 -2.35 -10.33
C MET A 3 1.22 -1.82 -11.31
N GLY A 4 0.48 -0.80 -10.90
CA GLY A 4 -0.53 -0.23 -11.76
C GLY A 4 -0.92 1.18 -11.35
N GLN A 5 -0.68 2.15 -12.22
CA GLN A 5 -1.00 3.54 -11.94
C GLN A 5 -1.81 4.15 -13.08
N GLU A 6 -2.40 5.31 -12.82
CA GLU A 6 -3.21 5.99 -13.82
C GLU A 6 -3.75 7.32 -13.28
N THR A 7 -4.59 7.98 -14.06
CA THR A 7 -5.17 9.25 -13.66
C THR A 7 -6.44 9.05 -12.84
N ASP A 8 -7.08 10.15 -12.48
CA ASP A 8 -8.31 10.09 -11.69
C ASP A 8 -8.12 9.23 -10.43
N TRP A 9 -7.17 9.64 -9.60
CA TRP A 9 -6.88 8.90 -8.37
C TRP A 9 -7.89 9.26 -7.28
N ARG A 10 -8.81 10.15 -7.60
CA ARG A 10 -9.83 10.58 -6.65
C ARG A 10 -11.09 9.72 -6.79
N SER A 11 -11.17 8.97 -7.90
CA SER A 11 -12.32 8.11 -8.14
C SER A 11 -12.42 7.03 -7.09
N THR A 12 -13.65 6.70 -6.70
CA THR A 12 -13.89 5.68 -5.69
C THR A 12 -13.21 4.37 -6.06
N ALA A 13 -13.42 3.93 -7.30
CA ALA A 13 -12.82 2.68 -7.78
C ALA A 13 -11.30 2.69 -7.57
N PHE A 14 -10.65 3.76 -8.03
CA PHE A 14 -9.21 3.89 -7.89
C PHE A 14 -8.77 3.66 -6.44
N ARG A 15 -9.13 4.58 -5.56
CA ARG A 15 -8.79 4.48 -4.15
C ARG A 15 -9.22 3.13 -3.58
N GLN A 16 -10.46 2.75 -3.86
CA GLN A 16 -10.99 1.48 -3.37
C GLN A 16 -10.05 0.32 -3.71
N LYS A 17 -9.61 0.26 -4.96
CA LYS A 17 -8.70 -0.78 -5.40
C LYS A 17 -7.45 -0.82 -4.53
N LEU A 18 -6.76 0.33 -4.45
CA LEU A 18 -5.55 0.43 -3.64
C LEU A 18 -5.79 -0.02 -2.21
N VAL A 19 -6.90 0.44 -1.63
CA VAL A 19 -7.25 0.08 -0.26
C VAL A 19 -7.17 -1.43 -0.05
N SER A 20 -7.79 -2.19 -0.94
CA SER A 20 -7.79 -3.63 -0.85
C SER A 20 -6.36 -4.18 -0.90
N GLN A 21 -5.59 -3.71 -1.87
CA GLN A 21 -4.21 -4.15 -2.02
C GLN A 21 -3.44 -3.98 -0.72
N ILE A 22 -3.48 -2.79 -0.16
CA ILE A 22 -2.78 -2.51 1.10
C ILE A 22 -3.24 -3.44 2.20
N GLU A 23 -4.53 -3.79 2.19
CA GLU A 23 -5.09 -4.69 3.19
C GLU A 23 -4.62 -6.12 2.97
N ASP A 24 -4.48 -6.50 1.71
CA ASP A 24 -4.03 -7.85 1.36
C ASP A 24 -2.55 -8.03 1.69
N ALA A 25 -1.74 -7.05 1.29
CA ALA A 25 -0.30 -7.10 1.55
C ALA A 25 -0.02 -7.17 3.04
N MET A 26 -0.72 -6.35 3.83
CA MET A 26 -0.54 -6.33 5.27
C MET A 26 -0.89 -7.68 5.89
N ARG A 27 -2.02 -8.24 5.48
CA ARG A 27 -2.46 -9.53 6.00
C ARG A 27 -1.35 -10.58 5.87
N LYS A 28 -0.85 -10.76 4.66
CA LYS A 28 0.21 -11.73 4.40
C LYS A 28 1.54 -11.24 4.98
N ALA A 29 1.65 -9.93 5.17
CA ALA A 29 2.87 -9.35 5.72
C ALA A 29 3.05 -9.73 7.18
N GLY A 30 1.93 -9.99 7.86
CA GLY A 30 1.99 -10.36 9.26
C GLY A 30 2.50 -9.24 10.14
N VAL A 31 1.65 -8.26 10.40
CA VAL A 31 2.02 -7.12 11.23
C VAL A 31 0.97 -6.86 12.31
N ALA A 32 1.20 -5.83 13.12
CA ALA A 32 0.28 -5.47 14.19
C ALA A 32 0.65 -4.13 14.81
N HIS A 33 0.76 -3.10 13.97
CA HIS A 33 1.12 -1.77 14.43
C HIS A 33 0.01 -0.76 14.09
N SER A 34 -0.08 -0.41 12.82
CA SER A 34 -1.08 0.54 12.35
C SER A 34 -2.49 0.08 12.74
N LYS A 35 -3.47 0.91 12.44
CA LYS A 35 -4.86 0.58 12.75
C LYS A 35 -5.43 -0.41 11.74
N SER A 36 -5.58 0.04 10.50
CA SER A 36 -6.12 -0.81 9.44
C SER A 36 -5.82 -0.22 8.06
N SER A 37 -5.88 -1.06 7.04
CA SER A 37 -5.61 -0.62 5.67
C SER A 37 -6.46 0.59 5.32
N LYS A 38 -7.73 0.56 5.71
CA LYS A 38 -8.64 1.67 5.44
C LYS A 38 -8.13 2.95 6.08
N ASP A 39 -7.73 2.87 7.34
CA ASP A 39 -7.21 4.03 8.06
C ASP A 39 -5.88 4.49 7.48
N MET A 40 -5.04 3.53 7.11
CA MET A 40 -3.73 3.85 6.54
C MET A 40 -3.88 4.55 5.19
N GLU A 41 -4.69 3.97 4.31
CA GLU A 41 -4.92 4.54 2.99
C GLU A 41 -5.44 5.97 3.09
N SER A 42 -6.49 6.15 3.90
CA SER A 42 -7.08 7.47 4.08
C SER A 42 -6.02 8.51 4.45
N HIS A 43 -5.20 8.17 5.44
CA HIS A 43 -4.13 9.07 5.88
C HIS A 43 -3.23 9.46 4.72
N VAL A 44 -2.88 8.47 3.90
CA VAL A 44 -2.01 8.70 2.75
C VAL A 44 -2.65 9.69 1.77
N PHE A 45 -3.91 9.44 1.43
CA PHE A 45 -4.63 10.31 0.50
C PHE A 45 -4.55 11.77 0.94
N LEU A 46 -4.76 12.01 2.23
CA LEU A 46 -4.70 13.36 2.77
C LEU A 46 -3.26 13.82 2.94
N LYS A 47 -2.34 12.87 2.97
CA LYS A 47 -0.92 13.18 3.11
C LYS A 47 -0.28 13.44 1.75
N ALA A 48 -1.01 13.12 0.69
CA ALA A 48 -0.52 13.33 -0.66
C ALA A 48 -1.10 14.60 -1.27
N LYS A 49 -0.30 15.28 -2.09
CA LYS A 49 -0.74 16.50 -2.75
C LYS A 49 -1.19 16.23 -4.18
N THR A 50 -0.68 15.14 -4.76
CA THR A 50 -1.03 14.77 -6.12
C THR A 50 -1.11 13.26 -6.27
N ARG A 51 -1.63 12.81 -7.41
CA ARG A 51 -1.77 11.37 -7.67
C ARG A 51 -0.41 10.67 -7.55
N ASP A 52 0.65 11.43 -7.76
CA ASP A 52 2.00 10.88 -7.67
C ASP A 52 2.42 10.68 -6.22
N GLU A 53 2.32 11.74 -5.42
CA GLU A 53 2.68 11.67 -4.02
C GLU A 53 1.99 10.51 -3.33
N TYR A 54 0.75 10.24 -3.73
CA TYR A 54 -0.02 9.15 -3.14
C TYR A 54 0.46 7.80 -3.68
N LEU A 55 0.36 7.61 -4.99
CA LEU A 55 0.79 6.37 -5.62
C LEU A 55 2.19 5.98 -5.15
N SER A 56 3.02 6.98 -4.87
CA SER A 56 4.38 6.74 -4.43
C SER A 56 4.40 6.20 -3.00
N LEU A 57 3.79 6.95 -2.09
CA LEU A 57 3.74 6.57 -0.68
C LEU A 57 3.07 5.19 -0.53
N VAL A 58 1.96 5.00 -1.22
CA VAL A 58 1.23 3.75 -1.16
C VAL A 58 2.12 2.58 -1.56
N ALA A 59 2.67 2.62 -2.76
CA ALA A 59 3.55 1.58 -3.26
C ALA A 59 4.64 1.26 -2.24
N ARG A 60 5.38 2.28 -1.85
CA ARG A 60 6.47 2.12 -0.89
C ARG A 60 5.99 1.35 0.35
N LEU A 61 4.81 1.70 0.83
CA LEU A 61 4.24 1.04 2.00
C LEU A 61 4.04 -0.45 1.74
N ILE A 62 3.29 -0.77 0.69
CA ILE A 62 3.03 -2.15 0.34
C ILE A 62 4.33 -2.93 0.13
N ILE A 63 5.23 -2.37 -0.68
CA ILE A 63 6.51 -3.00 -0.95
C ILE A 63 7.25 -3.32 0.34
N HIS A 64 7.27 -2.36 1.26
CA HIS A 64 7.94 -2.54 2.54
C HIS A 64 7.35 -3.72 3.30
N PHE A 65 6.04 -3.91 3.19
CA PHE A 65 5.35 -4.99 3.87
C PHE A 65 5.79 -6.34 3.31
N ARG A 66 5.87 -6.43 1.99
CA ARG A 66 6.27 -7.68 1.33
C ARG A 66 7.70 -8.06 1.73
N ASP A 67 8.54 -7.05 1.92
CA ASP A 67 9.93 -7.28 2.30
C ASP A 67 10.03 -7.79 3.74
N ILE A 68 9.35 -7.10 4.65
CA ILE A 68 9.35 -7.49 6.05
C ILE A 68 9.01 -8.97 6.22
N HIS A 69 7.96 -9.40 5.53
CA HIS A 69 7.52 -10.79 5.60
C HIS A 69 8.40 -11.68 4.74
N ASN A 70 9.02 -11.10 3.71
CA ASN A 70 9.90 -11.84 2.82
C ASN A 70 11.11 -12.38 3.58
N LYS A 71 11.64 -11.57 4.49
CA LYS A 71 12.80 -11.97 5.28
C LYS A 71 14.05 -12.03 4.41
N LYS A 72 14.15 -13.09 3.60
CA LYS A 72 15.30 -13.27 2.72
C LYS A 72 16.58 -13.41 3.52
N SER A 73 16.55 -14.24 4.56
CA SER A 73 17.72 -14.46 5.40
C SER A 73 18.87 -15.02 4.59
N GLN A 74 20.10 -14.69 5.02
CA GLN A 74 21.29 -15.17 4.33
C GLN A 74 21.32 -16.69 4.25
N ALA A 75 22.26 -17.23 3.49
CA ALA A 75 22.39 -18.67 3.34
C ALA A 75 21.09 -19.29 2.82
N SER A 76 20.91 -19.26 1.50
CA SER A 76 19.71 -19.80 0.88
C SER A 76 18.46 -19.09 1.40
N VAL A 77 17.30 -19.52 0.91
CA VAL A 77 16.04 -18.93 1.31
C VAL A 77 15.14 -19.95 2.00
N GLY A 1 -12.34 -3.12 -12.27
CA GLY A 1 -11.85 -1.99 -13.03
C GLY A 1 -11.01 -2.41 -14.23
N ALA A 2 -10.35 -3.57 -14.10
CA ALA A 2 -9.51 -4.08 -15.18
C ALA A 2 -8.48 -3.04 -15.62
N MET A 3 -7.37 -2.98 -14.90
CA MET A 3 -6.31 -2.03 -15.22
C MET A 3 -6.84 -0.60 -15.20
N GLY A 4 -5.96 0.36 -15.51
CA GLY A 4 -6.35 1.75 -15.51
C GLY A 4 -5.18 2.69 -15.71
N GLN A 5 -5.47 3.93 -16.10
CA GLN A 5 -4.43 4.92 -16.32
C GLN A 5 -5.02 6.29 -16.59
N GLU A 6 -4.97 7.17 -15.59
CA GLU A 6 -5.50 8.52 -15.73
C GLU A 6 -4.90 9.45 -14.69
N THR A 7 -5.26 10.72 -14.75
CA THR A 7 -4.75 11.72 -13.83
C THR A 7 -5.73 11.95 -12.67
N ASP A 8 -6.53 10.94 -12.38
CA ASP A 8 -7.50 11.03 -11.29
C ASP A 8 -7.26 9.96 -10.25
N TRP A 9 -6.16 10.10 -9.52
CA TRP A 9 -5.80 9.13 -8.48
C TRP A 9 -6.76 9.23 -7.29
N ARG A 10 -7.57 10.28 -7.29
CA ARG A 10 -8.53 10.49 -6.21
C ARG A 10 -9.80 9.69 -6.45
N SER A 11 -9.93 9.16 -7.66
CA SER A 11 -11.11 8.37 -8.03
C SER A 11 -11.32 7.22 -7.05
N THR A 12 -12.58 6.92 -6.76
CA THR A 12 -12.91 5.84 -5.83
C THR A 12 -12.24 4.54 -6.23
N ALA A 13 -12.36 4.20 -7.52
CA ALA A 13 -11.75 2.97 -8.03
C ALA A 13 -10.26 2.92 -7.71
N PHE A 14 -9.55 4.00 -8.04
CA PHE A 14 -8.12 4.07 -7.79
C PHE A 14 -7.80 3.73 -6.33
N ARG A 15 -8.22 4.60 -5.42
CA ARG A 15 -7.98 4.40 -4.00
C ARG A 15 -8.49 3.03 -3.56
N GLN A 16 -9.71 2.69 -3.97
CA GLN A 16 -10.32 1.42 -3.61
C GLN A 16 -9.38 0.27 -3.93
N LYS A 17 -9.02 0.14 -5.21
CA LYS A 17 -8.12 -0.92 -5.66
C LYS A 17 -6.86 -0.96 -4.80
N LEU A 18 -6.24 0.20 -4.62
CA LEU A 18 -5.02 0.30 -3.82
C LEU A 18 -5.25 -0.21 -2.40
N VAL A 19 -6.37 0.22 -1.80
CA VAL A 19 -6.71 -0.20 -0.44
C VAL A 19 -6.66 -1.72 -0.30
N SER A 20 -7.22 -2.41 -1.29
CA SER A 20 -7.25 -3.87 -1.27
C SER A 20 -5.83 -4.44 -1.29
N GLN A 21 -5.00 -3.91 -2.19
CA GLN A 21 -3.62 -4.36 -2.30
C GLN A 21 -2.91 -4.30 -0.96
N ILE A 22 -3.02 -3.17 -0.29
CA ILE A 22 -2.39 -2.99 1.02
C ILE A 22 -2.92 -3.99 2.03
N GLU A 23 -4.21 -4.30 1.93
CA GLU A 23 -4.85 -5.24 2.84
C GLU A 23 -4.41 -6.67 2.53
N ASP A 24 -4.19 -6.95 1.26
CA ASP A 24 -3.76 -8.28 0.83
C ASP A 24 -2.31 -8.55 1.23
N ALA A 25 -1.45 -7.57 0.97
CA ALA A 25 -0.04 -7.70 1.30
C ALA A 25 0.16 -7.88 2.81
N MET A 26 -0.56 -7.09 3.59
CA MET A 26 -0.46 -7.16 5.04
C MET A 26 -0.90 -8.53 5.55
N ARG A 27 -2.03 -9.01 5.04
CA ARG A 27 -2.55 -10.31 5.44
C ARG A 27 -1.48 -11.39 5.31
N LYS A 28 -0.94 -11.54 4.10
CA LYS A 28 0.09 -12.53 3.83
C LYS A 28 1.39 -12.17 4.54
N ALA A 29 1.58 -10.88 4.79
CA ALA A 29 2.77 -10.40 5.47
C ALA A 29 2.83 -10.88 6.91
N GLY A 30 1.65 -11.12 7.50
CA GLY A 30 1.60 -11.59 8.87
C GLY A 30 1.96 -10.51 9.87
N VAL A 31 1.05 -9.56 10.06
CA VAL A 31 1.28 -8.46 11.01
C VAL A 31 -0.01 -8.07 11.72
N ALA A 32 0.08 -7.06 12.59
CA ALA A 32 -1.07 -6.59 13.32
C ALA A 32 -0.71 -5.39 14.20
N HIS A 33 -0.69 -4.21 13.60
CA HIS A 33 -0.35 -2.99 14.32
C HIS A 33 -0.94 -1.77 13.61
N SER A 34 -0.70 -0.59 14.18
CA SER A 34 -1.21 0.65 13.61
C SER A 34 -2.71 0.74 13.75
N LYS A 35 -3.43 -0.01 12.91
CA LYS A 35 -4.88 -0.02 12.94
C LYS A 35 -5.44 -1.02 11.93
N SER A 36 -5.28 -0.71 10.65
CA SER A 36 -5.76 -1.58 9.57
C SER A 36 -5.40 -1.00 8.20
N SER A 37 -5.44 -1.86 7.19
CA SER A 37 -5.12 -1.44 5.83
C SER A 37 -5.91 -0.19 5.44
N LYS A 38 -7.21 -0.23 5.70
CA LYS A 38 -8.09 0.89 5.37
C LYS A 38 -7.58 2.18 6.01
N ASP A 39 -7.27 2.11 7.31
CA ASP A 39 -6.77 3.27 8.03
C ASP A 39 -5.40 3.69 7.51
N MET A 40 -4.58 2.70 7.15
CA MET A 40 -3.24 2.97 6.65
C MET A 40 -3.30 3.75 5.33
N GLU A 41 -4.10 3.24 4.40
CA GLU A 41 -4.24 3.90 3.10
C GLU A 41 -4.70 5.34 3.27
N SER A 42 -5.75 5.55 4.05
CA SER A 42 -6.28 6.88 4.29
C SER A 42 -5.17 7.84 4.74
N HIS A 43 -4.34 7.38 5.68
CA HIS A 43 -3.24 8.19 6.18
C HIS A 43 -2.29 8.57 5.06
N VAL A 44 -2.03 7.63 4.16
CA VAL A 44 -1.14 7.86 3.03
C VAL A 44 -1.73 8.88 2.06
N PHE A 45 -3.03 8.79 1.84
CA PHE A 45 -3.72 9.70 0.93
C PHE A 45 -3.58 11.15 1.40
N LEU A 46 -3.87 11.37 2.68
CA LEU A 46 -3.79 12.70 3.26
C LEU A 46 -2.34 13.15 3.39
N LYS A 47 -1.44 12.18 3.47
CA LYS A 47 -0.01 12.47 3.60
C LYS A 47 0.62 12.75 2.24
N ALA A 48 -0.05 12.28 1.18
CA ALA A 48 0.45 12.48 -0.18
C ALA A 48 -0.10 13.77 -0.77
N LYS A 49 0.71 14.42 -1.61
CA LYS A 49 0.30 15.68 -2.24
C LYS A 49 -0.11 15.44 -3.68
N THR A 50 0.42 14.37 -4.28
CA THR A 50 0.11 14.04 -5.67
C THR A 50 -0.01 12.54 -5.86
N ARG A 51 -0.55 12.12 -6.99
CA ARG A 51 -0.72 10.71 -7.30
C ARG A 51 0.61 9.96 -7.17
N ASP A 52 1.70 10.69 -7.39
CA ASP A 52 3.03 10.09 -7.29
C ASP A 52 3.43 9.85 -5.84
N GLU A 53 3.29 10.87 -5.01
CA GLU A 53 3.62 10.76 -3.59
C GLU A 53 2.94 9.55 -2.97
N TYR A 54 1.64 9.45 -3.18
CA TYR A 54 0.86 8.33 -2.63
C TYR A 54 1.35 7.00 -3.18
N LEU A 55 1.31 6.86 -4.50
CA LEU A 55 1.74 5.62 -5.16
C LEU A 55 3.14 5.23 -4.68
N SER A 56 3.96 6.23 -4.38
CA SER A 56 5.32 5.98 -3.91
C SER A 56 5.31 5.41 -2.50
N LEU A 57 4.68 6.13 -1.58
CA LEU A 57 4.60 5.70 -0.19
C LEU A 57 3.93 4.33 -0.07
N VAL A 58 2.80 4.17 -0.75
CA VAL A 58 2.07 2.92 -0.73
C VAL A 58 2.95 1.76 -1.14
N ALA A 59 3.55 1.86 -2.33
CA ALA A 59 4.43 0.81 -2.84
C ALA A 59 5.48 0.43 -1.80
N ARG A 60 6.22 1.42 -1.31
CA ARG A 60 7.26 1.18 -0.32
C ARG A 60 6.71 0.37 0.85
N LEU A 61 5.50 0.72 1.28
CA LEU A 61 4.86 0.03 2.40
C LEU A 61 4.60 -1.43 2.06
N ILE A 62 3.89 -1.67 0.96
CA ILE A 62 3.57 -3.02 0.52
C ILE A 62 4.83 -3.85 0.34
N ILE A 63 5.81 -3.29 -0.36
CA ILE A 63 7.08 -3.98 -0.60
C ILE A 63 7.73 -4.39 0.72
N HIS A 64 7.79 -3.45 1.67
CA HIS A 64 8.39 -3.72 2.97
C HIS A 64 7.70 -4.89 3.65
N PHE A 65 6.39 -5.01 3.44
CA PHE A 65 5.61 -6.09 4.05
C PHE A 65 6.01 -7.43 3.46
N ARG A 66 6.14 -7.49 2.13
CA ARG A 66 6.52 -8.72 1.44
C ARG A 66 7.90 -9.20 1.91
N ASP A 67 8.79 -8.25 2.14
CA ASP A 67 10.14 -8.58 2.58
C ASP A 67 10.12 -9.18 3.99
N ILE A 68 9.43 -8.51 4.91
CA ILE A 68 9.34 -8.98 6.28
C ILE A 68 8.90 -10.44 6.34
N HIS A 69 7.85 -10.77 5.59
CA HIS A 69 7.33 -12.12 5.55
C HIS A 69 8.22 -13.02 4.68
N ASN A 70 8.92 -12.41 3.74
CA ASN A 70 9.81 -13.16 2.85
C ASN A 70 10.97 -13.78 3.63
N LYS A 71 11.36 -13.12 4.71
CA LYS A 71 12.45 -13.60 5.54
C LYS A 71 13.79 -13.48 4.81
N LYS A 72 14.02 -14.38 3.86
CA LYS A 72 15.25 -14.37 3.08
C LYS A 72 16.47 -14.50 3.99
N SER A 73 17.66 -14.50 3.40
CA SER A 73 18.90 -14.62 4.16
C SER A 73 19.27 -13.29 4.80
N GLN A 74 19.23 -12.22 4.01
CA GLN A 74 19.56 -10.89 4.52
C GLN A 74 18.39 -9.94 4.35
N ALA A 75 17.81 -9.52 5.48
CA ALA A 75 16.68 -8.62 5.47
C ALA A 75 16.67 -7.71 6.69
N SER A 76 17.39 -6.60 6.62
CA SER A 76 17.48 -5.66 7.73
C SER A 76 17.28 -4.23 7.24
N VAL A 77 16.60 -3.43 8.06
CA VAL A 77 16.35 -2.03 7.72
C VAL A 77 16.26 -1.17 8.97
N GLY A 1 -0.98 -7.71 -11.19
CA GLY A 1 -0.68 -6.82 -10.09
C GLY A 1 -1.12 -5.39 -10.35
N ALA A 2 -2.35 -5.08 -9.96
CA ALA A 2 -2.89 -3.73 -10.15
C ALA A 2 -2.97 -3.38 -11.63
N MET A 3 -3.72 -2.33 -11.94
CA MET A 3 -3.88 -1.89 -13.32
C MET A 3 -4.12 -0.38 -13.38
N GLY A 4 -3.18 0.39 -12.88
CA GLY A 4 -3.31 1.84 -12.89
C GLY A 4 -2.49 2.49 -13.97
N GLN A 5 -2.78 3.76 -14.25
CA GLN A 5 -2.06 4.50 -15.28
C GLN A 5 -1.70 5.90 -14.81
N GLU A 6 -1.57 6.06 -13.49
CA GLU A 6 -1.24 7.34 -12.90
C GLU A 6 -2.20 8.43 -13.38
N THR A 7 -3.46 8.34 -12.95
CA THR A 7 -4.47 9.30 -13.33
C THR A 7 -5.75 9.11 -12.51
N ASP A 8 -6.35 10.23 -12.11
CA ASP A 8 -7.59 10.18 -11.32
C ASP A 8 -7.41 9.29 -10.10
N TRP A 9 -6.42 9.60 -9.27
CA TRP A 9 -6.14 8.83 -8.07
C TRP A 9 -7.11 9.22 -6.95
N ARG A 10 -7.97 10.19 -7.22
CA ARG A 10 -8.95 10.64 -6.24
C ARG A 10 -10.25 9.87 -6.37
N SER A 11 -10.42 9.19 -7.50
CA SER A 11 -11.63 8.41 -7.75
C SER A 11 -11.79 7.30 -6.72
N THR A 12 -13.03 7.05 -6.31
CA THR A 12 -13.32 6.01 -5.33
C THR A 12 -12.72 4.67 -5.75
N ALA A 13 -12.99 4.27 -6.98
CA ALA A 13 -12.48 3.02 -7.52
C ALA A 13 -10.97 2.92 -7.34
N PHE A 14 -10.26 3.96 -7.79
CA PHE A 14 -8.80 3.99 -7.67
C PHE A 14 -8.36 3.68 -6.24
N ARG A 15 -8.64 4.61 -5.33
CA ARG A 15 -8.26 4.45 -3.94
C ARG A 15 -8.78 3.12 -3.38
N GLN A 16 -10.04 2.82 -3.65
CA GLN A 16 -10.66 1.58 -3.18
C GLN A 16 -9.78 0.38 -3.55
N LYS A 17 -9.37 0.32 -4.81
CA LYS A 17 -8.54 -0.78 -5.29
C LYS A 17 -7.27 -0.90 -4.46
N LEU A 18 -6.52 0.19 -4.37
CA LEU A 18 -5.28 0.19 -3.60
C LEU A 18 -5.53 -0.28 -2.17
N VAL A 19 -6.59 0.25 -1.55
CA VAL A 19 -6.94 -0.12 -0.18
C VAL A 19 -6.95 -1.63 0.00
N SER A 20 -7.65 -2.33 -0.89
CA SER A 20 -7.73 -3.79 -0.83
C SER A 20 -6.35 -4.42 -0.92
N GLN A 21 -5.57 -3.96 -1.90
CA GLN A 21 -4.22 -4.49 -2.09
C GLN A 21 -3.42 -4.41 -0.80
N ILE A 22 -3.37 -3.22 -0.20
CA ILE A 22 -2.64 -3.02 1.04
C ILE A 22 -3.13 -3.95 2.14
N GLU A 23 -4.44 -4.23 2.13
CA GLU A 23 -5.03 -5.11 3.13
C GLU A 23 -4.64 -6.57 2.86
N ASP A 24 -4.55 -6.92 1.58
CA ASP A 24 -4.19 -8.28 1.19
C ASP A 24 -2.72 -8.56 1.48
N ALA A 25 -1.86 -7.62 1.12
CA ALA A 25 -0.43 -7.76 1.33
C ALA A 25 -0.11 -7.89 2.81
N MET A 26 -0.76 -7.05 3.63
CA MET A 26 -0.54 -7.07 5.07
C MET A 26 -0.96 -8.41 5.66
N ARG A 27 -2.12 -8.90 5.26
CA ARG A 27 -2.62 -10.18 5.76
C ARG A 27 -1.59 -11.28 5.58
N LYS A 28 -1.13 -11.46 4.35
CA LYS A 28 -0.13 -12.49 4.05
C LYS A 28 1.23 -12.10 4.61
N ALA A 29 1.44 -10.81 4.81
CA ALA A 29 2.70 -10.31 5.37
C ALA A 29 2.87 -10.73 6.82
N GLY A 30 1.74 -10.93 7.51
CA GLY A 30 1.80 -11.33 8.91
C GLY A 30 2.40 -10.27 9.79
N VAL A 31 1.62 -9.23 10.09
CA VAL A 31 2.08 -8.14 10.94
C VAL A 31 1.08 -7.82 12.04
N ALA A 32 1.52 -7.07 13.03
CA ALA A 32 0.65 -6.69 14.15
C ALA A 32 0.68 -5.19 14.39
N HIS A 33 1.87 -4.60 14.25
CA HIS A 33 2.05 -3.16 14.47
C HIS A 33 1.46 -2.38 13.29
N SER A 34 0.13 -2.26 13.27
CA SER A 34 -0.55 -1.55 12.21
C SER A 34 -2.06 -1.55 12.43
N LYS A 35 -2.66 -0.37 12.47
CA LYS A 35 -4.09 -0.25 12.67
C LYS A 35 -4.86 -1.10 11.66
N SER A 36 -4.81 -0.71 10.40
CA SER A 36 -5.50 -1.44 9.34
C SER A 36 -5.23 -0.81 7.98
N SER A 37 -5.39 -1.60 6.92
CA SER A 37 -5.14 -1.13 5.56
C SER A 37 -5.93 0.16 5.29
N LYS A 38 -7.17 0.20 5.76
CA LYS A 38 -8.01 1.38 5.58
C LYS A 38 -7.40 2.60 6.23
N ASP A 39 -6.97 2.45 7.49
CA ASP A 39 -6.36 3.54 8.23
C ASP A 39 -5.02 3.94 7.61
N MET A 40 -4.26 2.94 7.17
CA MET A 40 -2.96 3.19 6.56
C MET A 40 -3.11 3.94 5.24
N GLU A 41 -3.99 3.44 4.38
CA GLU A 41 -4.22 4.06 3.08
C GLU A 41 -4.63 5.52 3.24
N SER A 42 -5.64 5.75 4.09
CA SER A 42 -6.13 7.11 4.33
C SER A 42 -4.99 8.04 4.69
N HIS A 43 -4.16 7.62 5.65
CA HIS A 43 -3.03 8.42 6.09
C HIS A 43 -2.13 8.79 4.92
N VAL A 44 -1.87 7.81 4.05
CA VAL A 44 -1.02 8.02 2.88
C VAL A 44 -1.61 9.08 1.96
N PHE A 45 -2.90 8.91 1.64
CA PHE A 45 -3.59 9.86 0.77
C PHE A 45 -3.38 11.29 1.23
N LEU A 46 -3.52 11.51 2.54
CA LEU A 46 -3.36 12.84 3.12
C LEU A 46 -1.88 13.18 3.26
N LYS A 47 -1.04 12.17 3.25
CA LYS A 47 0.41 12.37 3.36
C LYS A 47 1.03 12.61 1.99
N ALA A 48 0.25 12.42 0.94
CA ALA A 48 0.73 12.61 -0.42
C ALA A 48 0.26 13.95 -0.97
N LYS A 49 1.06 14.52 -1.88
CA LYS A 49 0.73 15.80 -2.49
C LYS A 49 0.24 15.61 -3.92
N THR A 50 0.65 14.51 -4.54
CA THR A 50 0.25 14.22 -5.91
C THR A 50 0.05 12.72 -6.11
N ARG A 51 -0.50 12.36 -7.27
CA ARG A 51 -0.75 10.95 -7.58
C ARG A 51 0.53 10.14 -7.50
N ASP A 52 1.67 10.81 -7.65
CA ASP A 52 2.96 10.14 -7.58
C ASP A 52 3.38 9.88 -6.14
N GLU A 53 3.34 10.94 -5.33
CA GLU A 53 3.71 10.82 -3.91
C GLU A 53 2.95 9.69 -3.24
N TYR A 54 1.68 9.53 -3.61
CA TYR A 54 0.85 8.48 -3.05
C TYR A 54 1.21 7.11 -3.63
N LEU A 55 1.04 6.97 -4.94
CA LEU A 55 1.35 5.73 -5.63
C LEU A 55 2.73 5.21 -5.23
N SER A 56 3.65 6.15 -4.98
CA SER A 56 5.01 5.78 -4.59
C SER A 56 5.04 5.22 -3.17
N LEU A 57 4.52 5.99 -2.23
CA LEU A 57 4.49 5.57 -0.83
C LEU A 57 3.74 4.25 -0.67
N VAL A 58 2.57 4.16 -1.31
CA VAL A 58 1.76 2.95 -1.25
C VAL A 58 2.56 1.73 -1.69
N ALA A 59 3.06 1.78 -2.91
CA ALA A 59 3.85 0.67 -3.46
C ALA A 59 4.96 0.26 -2.49
N ARG A 60 5.79 1.21 -2.11
CA ARG A 60 6.89 0.95 -1.19
C ARG A 60 6.39 0.19 0.04
N LEU A 61 5.27 0.63 0.58
CA LEU A 61 4.68 -0.01 1.76
C LEU A 61 4.36 -1.48 1.48
N ILE A 62 3.62 -1.72 0.41
CA ILE A 62 3.25 -3.08 0.04
C ILE A 62 4.48 -3.94 -0.19
N ILE A 63 5.39 -3.45 -1.03
CA ILE A 63 6.62 -4.19 -1.34
C ILE A 63 7.37 -4.57 -0.06
N HIS A 64 7.46 -3.62 0.86
CA HIS A 64 8.15 -3.86 2.13
C HIS A 64 7.49 -5.00 2.90
N PHE A 65 6.17 -5.07 2.83
CA PHE A 65 5.41 -6.12 3.52
C PHE A 65 5.76 -7.49 2.96
N ARG A 66 5.82 -7.58 1.63
CA ARG A 66 6.14 -8.84 0.97
C ARG A 66 7.54 -9.32 1.34
N ASP A 67 8.47 -8.38 1.45
CA ASP A 67 9.85 -8.70 1.81
C ASP A 67 9.94 -9.23 3.23
N ILE A 68 9.31 -8.50 4.17
CA ILE A 68 9.32 -8.90 5.56
C ILE A 68 8.87 -10.35 5.73
N HIS A 69 7.77 -10.69 5.09
CA HIS A 69 7.23 -12.05 5.16
C HIS A 69 8.05 -13.00 4.28
N ASN A 70 8.69 -12.45 3.25
CA ASN A 70 9.50 -13.24 2.34
C ASN A 70 10.72 -13.82 3.04
N LYS A 71 11.22 -13.10 4.04
CA LYS A 71 12.38 -13.53 4.80
C LYS A 71 13.61 -13.64 3.91
N LYS A 72 13.77 -12.66 3.03
CA LYS A 72 14.92 -12.64 2.11
C LYS A 72 16.23 -12.47 2.88
N SER A 73 17.32 -12.31 2.14
CA SER A 73 18.64 -12.15 2.75
C SER A 73 18.77 -10.76 3.37
N GLN A 74 18.44 -10.67 4.66
CA GLN A 74 18.52 -9.40 5.38
C GLN A 74 17.56 -8.37 4.79
N ALA A 75 17.61 -7.15 5.32
CA ALA A 75 16.75 -6.09 4.84
C ALA A 75 15.28 -6.45 5.00
N SER A 76 14.71 -6.10 6.15
CA SER A 76 13.31 -6.40 6.42
C SER A 76 12.87 -5.76 7.74
N VAL A 77 11.68 -5.17 7.73
CA VAL A 77 11.15 -4.52 8.92
C VAL A 77 12.24 -3.81 9.70
N GLY A 1 -2.11 -6.53 -18.56
CA GLY A 1 -2.51 -5.44 -17.68
C GLY A 1 -1.83 -5.52 -16.32
N ALA A 2 -1.12 -4.45 -15.96
CA ALA A 2 -0.42 -4.40 -14.68
C ALA A 2 -0.50 -3.01 -14.07
N MET A 3 -0.25 -1.99 -14.88
CA MET A 3 -0.30 -0.61 -14.42
C MET A 3 -0.94 0.30 -15.46
N GLY A 4 -1.00 1.59 -15.17
CA GLY A 4 -1.58 2.54 -16.09
C GLY A 4 -2.53 3.50 -15.41
N GLN A 5 -2.97 4.53 -16.14
CA GLN A 5 -3.88 5.53 -15.60
C GLN A 5 -3.22 6.28 -14.43
N GLU A 6 -2.75 7.49 -14.70
CA GLU A 6 -2.12 8.30 -13.67
C GLU A 6 -2.64 9.73 -13.71
N THR A 7 -3.74 9.97 -13.00
CA THR A 7 -4.35 11.30 -12.94
C THR A 7 -5.37 11.39 -11.82
N ASP A 8 -6.52 10.76 -12.03
CA ASP A 8 -7.59 10.77 -11.03
C ASP A 8 -7.33 9.72 -9.95
N TRP A 9 -6.57 10.10 -8.94
CA TRP A 9 -6.24 9.20 -7.84
C TRP A 9 -7.19 9.41 -6.66
N ARG A 10 -8.34 10.01 -6.94
CA ARG A 10 -9.33 10.27 -5.90
C ARG A 10 -10.58 9.43 -6.12
N SER A 11 -10.78 8.98 -7.36
CA SER A 11 -11.95 8.18 -7.70
C SER A 11 -12.09 6.99 -6.74
N THR A 12 -13.33 6.64 -6.44
CA THR A 12 -13.60 5.53 -5.54
C THR A 12 -12.86 4.27 -5.96
N ALA A 13 -12.96 3.93 -7.24
CA ALA A 13 -12.29 2.74 -7.77
C ALA A 13 -10.80 2.77 -7.46
N PHE A 14 -10.16 3.89 -7.78
CA PHE A 14 -8.73 4.05 -7.53
C PHE A 14 -8.39 3.71 -6.08
N ARG A 15 -8.85 4.56 -5.16
CA ARG A 15 -8.58 4.35 -3.74
C ARG A 15 -9.01 2.94 -3.32
N GLN A 16 -10.22 2.55 -3.71
CA GLN A 16 -10.75 1.24 -3.37
C GLN A 16 -9.74 0.14 -3.70
N LYS A 17 -9.39 0.05 -4.98
CA LYS A 17 -8.43 -0.95 -5.44
C LYS A 17 -7.16 -0.94 -4.58
N LEU A 18 -6.61 0.25 -4.38
CA LEU A 18 -5.40 0.40 -3.58
C LEU A 18 -5.61 -0.13 -2.17
N VAL A 19 -6.75 0.21 -1.57
CA VAL A 19 -7.08 -0.23 -0.23
C VAL A 19 -6.98 -1.75 -0.11
N SER A 20 -7.56 -2.45 -1.09
CA SER A 20 -7.55 -3.91 -1.10
C SER A 20 -6.12 -4.44 -1.11
N GLN A 21 -5.28 -3.84 -1.96
CA GLN A 21 -3.89 -4.27 -2.07
C GLN A 21 -3.20 -4.23 -0.70
N ILE A 22 -3.39 -3.12 0.01
CA ILE A 22 -2.79 -2.96 1.33
C ILE A 22 -3.32 -4.00 2.32
N GLU A 23 -4.59 -4.36 2.15
CA GLU A 23 -5.23 -5.34 3.02
C GLU A 23 -4.73 -6.75 2.71
N ASP A 24 -4.39 -6.98 1.44
CA ASP A 24 -3.90 -8.28 1.00
C ASP A 24 -2.47 -8.52 1.50
N ALA A 25 -1.61 -7.52 1.31
CA ALA A 25 -0.22 -7.63 1.75
C ALA A 25 -0.13 -7.81 3.26
N MET A 26 -0.88 -7.01 4.00
CA MET A 26 -0.90 -7.08 5.46
C MET A 26 -1.36 -8.45 5.93
N ARG A 27 -2.45 -8.95 5.33
CA ARG A 27 -2.99 -10.25 5.69
C ARG A 27 -1.91 -11.32 5.65
N LYS A 28 -1.26 -11.45 4.49
CA LYS A 28 -0.20 -12.44 4.31
C LYS A 28 1.06 -12.04 5.08
N ALA A 29 1.14 -10.76 5.42
CA ALA A 29 2.29 -10.25 6.16
C ALA A 29 2.23 -10.66 7.63
N GLY A 30 1.02 -10.89 8.13
CA GLY A 30 0.84 -11.29 9.51
C GLY A 30 1.56 -10.34 10.47
N VAL A 31 0.92 -9.22 10.78
CA VAL A 31 1.48 -8.24 11.69
C VAL A 31 0.48 -7.81 12.75
N ALA A 32 0.88 -7.90 14.01
CA ALA A 32 0.01 -7.53 15.12
C ALA A 32 0.42 -6.17 15.70
N HIS A 33 0.24 -5.12 14.91
CA HIS A 33 0.59 -3.77 15.35
C HIS A 33 -0.19 -2.72 14.56
N SER A 34 0.00 -2.72 13.24
CA SER A 34 -0.69 -1.77 12.37
C SER A 34 -2.20 -1.88 12.55
N LYS A 35 -2.87 -0.72 12.58
CA LYS A 35 -4.31 -0.67 12.73
C LYS A 35 -5.00 -1.56 11.71
N SER A 36 -4.93 -1.17 10.44
CA SER A 36 -5.55 -1.92 9.36
C SER A 36 -5.32 -1.25 8.01
N SER A 37 -5.48 -2.02 6.94
CA SER A 37 -5.28 -1.50 5.59
C SER A 37 -6.08 -0.23 5.38
N LYS A 38 -7.35 -0.25 5.79
CA LYS A 38 -8.23 0.90 5.65
C LYS A 38 -7.64 2.12 6.33
N ASP A 39 -7.10 1.93 7.54
CA ASP A 39 -6.50 3.02 8.29
C ASP A 39 -5.18 3.45 7.65
N MET A 40 -4.45 2.48 7.11
CA MET A 40 -3.16 2.76 6.47
C MET A 40 -3.35 3.57 5.20
N GLU A 41 -4.33 3.18 4.39
CA GLU A 41 -4.60 3.86 3.13
C GLU A 41 -5.03 5.31 3.39
N SER A 42 -6.06 5.48 4.21
CA SER A 42 -6.57 6.80 4.54
C SER A 42 -5.45 7.72 5.01
N HIS A 43 -4.60 7.20 5.90
CA HIS A 43 -3.49 7.97 6.42
C HIS A 43 -2.58 8.46 5.29
N VAL A 44 -2.19 7.54 4.41
CA VAL A 44 -1.34 7.87 3.29
C VAL A 44 -2.00 8.89 2.37
N PHE A 45 -3.26 8.65 2.04
CA PHE A 45 -4.01 9.54 1.16
C PHE A 45 -3.95 10.98 1.67
N LEU A 46 -4.03 11.14 2.98
CA LEU A 46 -3.98 12.46 3.60
C LEU A 46 -2.54 12.91 3.81
N LYS A 47 -1.62 11.96 3.74
CA LYS A 47 -0.20 12.25 3.92
C LYS A 47 0.47 12.59 2.59
N ALA A 48 -0.24 12.32 1.50
CA ALA A 48 0.28 12.60 0.16
C ALA A 48 -0.34 13.87 -0.41
N LYS A 49 0.40 14.52 -1.30
CA LYS A 49 -0.08 15.75 -1.93
C LYS A 49 -0.56 15.49 -3.36
N THR A 50 -0.03 14.43 -3.97
CA THR A 50 -0.41 14.08 -5.33
C THR A 50 -0.49 12.56 -5.49
N ARG A 51 -1.04 12.13 -6.63
CA ARG A 51 -1.18 10.71 -6.90
C ARG A 51 0.17 9.99 -6.80
N ASP A 52 1.24 10.74 -7.01
CA ASP A 52 2.59 10.18 -6.95
C ASP A 52 3.01 9.93 -5.50
N GLU A 53 2.90 10.98 -4.68
CA GLU A 53 3.28 10.87 -3.27
C GLU A 53 2.57 9.70 -2.61
N TYR A 54 1.31 9.49 -2.96
CA TYR A 54 0.52 8.40 -2.40
C TYR A 54 0.98 7.06 -2.96
N LEU A 55 0.88 6.90 -4.27
CA LEU A 55 1.28 5.67 -4.94
C LEU A 55 2.66 5.22 -4.47
N SER A 56 3.51 6.19 -4.16
CA SER A 56 4.86 5.89 -3.70
C SER A 56 4.85 5.36 -2.27
N LEU A 57 4.29 6.13 -1.35
CA LEU A 57 4.20 5.74 0.04
C LEU A 57 3.48 4.41 0.19
N VAL A 58 2.48 4.19 -0.67
CA VAL A 58 1.71 2.95 -0.63
C VAL A 58 2.58 1.75 -0.97
N ALA A 59 3.21 1.79 -2.15
CA ALA A 59 4.07 0.71 -2.59
C ALA A 59 5.11 0.36 -1.52
N ARG A 60 5.88 1.36 -1.11
CA ARG A 60 6.91 1.16 -0.10
C ARG A 60 6.34 0.46 1.13
N LEU A 61 5.13 0.86 1.53
CA LEU A 61 4.49 0.26 2.69
C LEU A 61 4.17 -1.21 2.44
N ILE A 62 3.46 -1.48 1.35
CA ILE A 62 3.10 -2.86 1.01
C ILE A 62 4.34 -3.73 0.87
N ILE A 63 5.28 -3.28 0.05
CA ILE A 63 6.52 -4.03 -0.17
C ILE A 63 7.18 -4.40 1.16
N HIS A 64 7.21 -3.45 2.08
CA HIS A 64 7.81 -3.67 3.39
C HIS A 64 7.12 -4.83 4.12
N PHE A 65 5.80 -4.89 3.99
CA PHE A 65 5.02 -5.94 4.63
C PHE A 65 5.43 -7.32 4.11
N ARG A 66 5.59 -7.41 2.79
CA ARG A 66 5.98 -8.67 2.16
C ARG A 66 7.36 -9.11 2.62
N ASP A 67 8.25 -8.14 2.83
CA ASP A 67 9.61 -8.42 3.27
C ASP A 67 9.61 -8.89 4.73
N ILE A 68 8.92 -8.15 5.58
CA ILE A 68 8.85 -8.49 7.00
C ILE A 68 8.44 -9.95 7.19
N HIS A 69 7.40 -10.36 6.48
CA HIS A 69 6.91 -11.73 6.57
C HIS A 69 7.82 -12.69 5.82
N ASN A 70 8.51 -12.17 4.81
CA ASN A 70 9.42 -12.98 4.01
C ASN A 70 10.68 -13.32 4.78
N LYS A 71 11.03 -12.47 5.75
CA LYS A 71 12.21 -12.69 6.58
C LYS A 71 13.47 -12.65 5.72
N LYS A 72 14.61 -12.94 6.35
CA LYS A 72 15.89 -12.93 5.66
C LYS A 72 15.83 -13.79 4.40
N SER A 73 16.27 -13.23 3.28
CA SER A 73 16.26 -13.94 2.00
C SER A 73 16.83 -13.07 0.89
N GLN A 74 16.91 -13.64 -0.31
CA GLN A 74 17.45 -12.91 -1.46
C GLN A 74 16.47 -11.86 -1.95
N ALA A 75 16.96 -10.63 -2.10
CA ALA A 75 16.11 -9.53 -2.56
C ALA A 75 16.95 -8.28 -2.83
N SER A 76 16.82 -7.73 -4.03
CA SER A 76 17.56 -6.54 -4.41
C SER A 76 17.05 -5.31 -3.64
N VAL A 77 15.88 -4.83 -4.04
CA VAL A 77 15.28 -3.66 -3.40
C VAL A 77 14.01 -4.05 -2.65
N GLY A 1 0.03 -7.56 -12.84
CA GLY A 1 -0.16 -6.30 -13.55
C GLY A 1 0.47 -5.14 -12.81
N ALA A 2 -0.37 -4.26 -12.28
CA ALA A 2 0.11 -3.09 -11.54
C ALA A 2 0.94 -2.18 -12.44
N MET A 3 0.31 -1.12 -12.93
CA MET A 3 0.99 -0.16 -13.80
C MET A 3 0.64 1.27 -13.43
N GLY A 4 -0.58 1.69 -13.76
CA GLY A 4 -1.02 3.04 -13.44
C GLY A 4 -0.82 3.99 -14.59
N GLN A 5 -1.93 4.52 -15.13
CA GLN A 5 -1.87 5.45 -16.24
C GLN A 5 -3.15 6.28 -16.32
N GLU A 6 -3.31 7.21 -15.39
CA GLU A 6 -4.48 8.07 -15.35
C GLU A 6 -4.25 9.28 -14.45
N THR A 7 -5.13 10.27 -14.58
CA THR A 7 -5.02 11.49 -13.77
C THR A 7 -6.21 11.65 -12.85
N ASP A 8 -6.67 10.54 -12.29
CA ASP A 8 -7.81 10.56 -11.38
C ASP A 8 -7.64 9.56 -10.25
N TRP A 9 -6.61 9.78 -9.43
CA TRP A 9 -6.32 8.88 -8.31
C TRP A 9 -7.35 9.06 -7.20
N ARG A 10 -8.19 10.08 -7.33
CA ARG A 10 -9.22 10.36 -6.35
C ARG A 10 -10.46 9.51 -6.58
N SER A 11 -10.52 8.88 -7.76
CA SER A 11 -11.66 8.04 -8.12
C SER A 11 -11.83 6.90 -7.10
N THR A 12 -13.09 6.54 -6.86
CA THR A 12 -13.40 5.48 -5.91
C THR A 12 -12.66 4.19 -6.27
N ALA A 13 -12.74 3.80 -7.53
CA ALA A 13 -12.08 2.59 -8.01
C ALA A 13 -10.60 2.60 -7.66
N PHE A 14 -9.92 3.70 -7.99
CA PHE A 14 -8.51 3.83 -7.71
C PHE A 14 -8.21 3.54 -6.24
N ARG A 15 -8.67 4.41 -5.36
CA ARG A 15 -8.46 4.24 -3.93
C ARG A 15 -8.94 2.87 -3.46
N GLN A 16 -10.13 2.48 -3.90
CA GLN A 16 -10.70 1.19 -3.52
C GLN A 16 -9.71 0.07 -3.80
N LYS A 17 -9.31 -0.07 -5.06
CA LYS A 17 -8.37 -1.11 -5.46
C LYS A 17 -7.13 -1.08 -4.58
N LEU A 18 -6.56 0.10 -4.41
CA LEU A 18 -5.37 0.26 -3.59
C LEU A 18 -5.61 -0.23 -2.16
N VAL A 19 -6.75 0.17 -1.60
CA VAL A 19 -7.11 -0.23 -0.24
C VAL A 19 -7.00 -1.74 -0.06
N SER A 20 -7.52 -2.49 -1.04
CA SER A 20 -7.48 -3.94 -0.99
C SER A 20 -6.05 -4.45 -0.97
N GLN A 21 -5.22 -3.91 -1.85
CA GLN A 21 -3.82 -4.30 -1.94
C GLN A 21 -3.14 -4.18 -0.57
N ILE A 22 -3.30 -3.02 0.05
CA ILE A 22 -2.70 -2.76 1.36
C ILE A 22 -3.21 -3.76 2.40
N GLU A 23 -4.47 -4.15 2.27
CA GLU A 23 -5.08 -5.09 3.20
C GLU A 23 -4.53 -6.49 2.99
N ASP A 24 -4.15 -6.79 1.75
CA ASP A 24 -3.60 -8.10 1.41
C ASP A 24 -2.19 -8.25 1.95
N ALA A 25 -1.34 -7.27 1.68
CA ALA A 25 0.04 -7.30 2.15
C ALA A 25 0.09 -7.37 3.67
N MET A 26 -0.70 -6.54 4.33
CA MET A 26 -0.74 -6.51 5.79
C MET A 26 -1.18 -7.86 6.35
N ARG A 27 -2.22 -8.43 5.76
CA ARG A 27 -2.74 -9.71 6.21
C ARG A 27 -1.62 -10.76 6.28
N LYS A 28 -0.92 -10.93 5.16
CA LYS A 28 0.17 -11.89 5.10
C LYS A 28 1.38 -11.41 5.90
N ALA A 29 1.49 -10.09 6.06
CA ALA A 29 2.59 -9.51 6.82
C ALA A 29 2.40 -9.71 8.32
N GLY A 30 1.15 -9.97 8.72
CA GLY A 30 0.86 -10.18 10.13
C GLY A 30 0.84 -8.88 10.91
N VAL A 31 2.02 -8.27 11.07
CA VAL A 31 2.14 -7.02 11.80
C VAL A 31 1.43 -7.10 13.15
N ALA A 32 1.28 -5.96 13.81
CA ALA A 32 0.63 -5.90 15.11
C ALA A 32 0.14 -4.49 15.41
N HIS A 33 0.97 -3.50 15.07
CA HIS A 33 0.62 -2.10 15.32
C HIS A 33 -0.39 -1.61 14.28
N SER A 34 -0.60 -0.29 14.25
CA SER A 34 -1.54 0.31 13.31
C SER A 34 -2.96 -0.13 13.61
N LYS A 35 -3.93 0.54 13.00
CA LYS A 35 -5.33 0.20 13.19
C LYS A 35 -5.79 -0.86 12.19
N SER A 36 -5.85 -0.48 10.92
CA SER A 36 -6.28 -1.39 9.87
C SER A 36 -5.93 -0.83 8.49
N SER A 37 -6.00 -1.69 7.48
CA SER A 37 -5.69 -1.29 6.11
C SER A 37 -6.47 -0.04 5.72
N LYS A 38 -7.79 -0.08 5.91
CA LYS A 38 -8.65 1.05 5.58
C LYS A 38 -8.12 2.33 6.21
N ASP A 39 -7.79 2.26 7.49
CA ASP A 39 -7.28 3.41 8.23
C ASP A 39 -5.91 3.82 7.70
N MET A 40 -5.12 2.83 7.30
CA MET A 40 -3.78 3.08 6.78
C MET A 40 -3.84 3.81 5.44
N GLU A 41 -4.72 3.35 4.55
CA GLU A 41 -4.87 3.97 3.25
C GLU A 41 -5.27 5.44 3.39
N SER A 42 -6.32 5.69 4.16
CA SER A 42 -6.82 7.04 4.37
C SER A 42 -5.69 7.96 4.82
N HIS A 43 -4.95 7.52 5.84
CA HIS A 43 -3.84 8.31 6.37
C HIS A 43 -2.86 8.69 5.26
N VAL A 44 -2.56 7.72 4.39
CA VAL A 44 -1.63 7.95 3.29
C VAL A 44 -2.22 8.93 2.27
N PHE A 45 -3.46 8.70 1.88
CA PHE A 45 -4.14 9.56 0.91
C PHE A 45 -4.07 11.02 1.35
N LEU A 46 -4.40 11.28 2.61
CA LEU A 46 -4.37 12.62 3.15
C LEU A 46 -2.94 13.11 3.32
N LYS A 47 -2.01 12.17 3.49
CA LYS A 47 -0.60 12.51 3.66
C LYS A 47 0.07 12.74 2.32
N ALA A 48 -0.63 12.39 1.23
CA ALA A 48 -0.11 12.57 -0.11
C ALA A 48 -0.63 13.86 -0.73
N LYS A 49 0.19 14.47 -1.59
CA LYS A 49 -0.17 15.71 -2.25
C LYS A 49 -0.66 15.44 -3.68
N THR A 50 -0.21 14.34 -4.25
CA THR A 50 -0.59 13.95 -5.61
C THR A 50 -0.65 12.44 -5.76
N ARG A 51 -1.18 11.99 -6.90
CA ARG A 51 -1.29 10.56 -7.17
C ARG A 51 0.06 9.87 -7.05
N ASP A 52 1.13 10.63 -7.26
CA ASP A 52 2.48 10.11 -7.18
C ASP A 52 2.89 9.89 -5.73
N GLU A 53 2.74 10.93 -4.91
CA GLU A 53 3.10 10.84 -3.50
C GLU A 53 2.45 9.63 -2.85
N TYR A 54 1.14 9.47 -3.06
CA TYR A 54 0.41 8.36 -2.48
C TYR A 54 0.92 7.03 -3.03
N LEU A 55 0.85 6.87 -4.33
CA LEU A 55 1.30 5.64 -4.99
C LEU A 55 2.71 5.28 -4.53
N SER A 56 3.50 6.29 -4.21
CA SER A 56 4.88 6.08 -3.75
C SER A 56 4.90 5.53 -2.33
N LEU A 57 4.27 6.27 -1.41
CA LEU A 57 4.23 5.86 -0.02
C LEU A 57 3.56 4.48 0.13
N VAL A 58 2.51 4.26 -0.66
CA VAL A 58 1.79 2.99 -0.62
C VAL A 58 2.71 1.83 -1.01
N ALA A 59 3.34 1.96 -2.18
CA ALA A 59 4.24 0.92 -2.67
C ALA A 59 5.25 0.52 -1.60
N ARG A 60 6.00 1.49 -1.11
CA ARG A 60 7.00 1.23 -0.08
C ARG A 60 6.41 0.46 1.09
N LEU A 61 5.20 0.85 1.50
CA LEU A 61 4.51 0.19 2.60
C LEU A 61 4.24 -1.27 2.28
N ILE A 62 3.64 -1.52 1.12
CA ILE A 62 3.33 -2.88 0.68
C ILE A 62 4.60 -3.72 0.57
N ILE A 63 5.60 -3.19 -0.11
CA ILE A 63 6.87 -3.89 -0.30
C ILE A 63 7.47 -4.28 1.06
N HIS A 64 7.44 -3.34 2.00
CA HIS A 64 7.98 -3.59 3.33
C HIS A 64 7.24 -4.74 4.02
N PHE A 65 5.94 -4.81 3.78
CA PHE A 65 5.12 -5.86 4.38
C PHE A 65 5.47 -7.23 3.81
N ARG A 66 5.56 -7.31 2.49
CA ARG A 66 5.89 -8.56 1.81
C ARG A 66 7.24 -9.08 2.27
N ASP A 67 8.18 -8.17 2.48
CA ASP A 67 9.52 -8.55 2.92
C ASP A 67 9.48 -9.17 4.32
N ILE A 68 8.80 -8.50 5.24
CA ILE A 68 8.69 -8.98 6.61
C ILE A 68 8.19 -10.42 6.64
N HIS A 69 7.15 -10.71 5.86
CA HIS A 69 6.58 -12.05 5.79
C HIS A 69 7.55 -13.01 5.13
N ASN A 70 8.11 -12.60 3.99
CA ASN A 70 9.06 -13.42 3.26
C ASN A 70 10.28 -13.76 4.12
N LYS A 71 10.57 -12.89 5.07
CA LYS A 71 11.71 -13.09 5.97
C LYS A 71 13.01 -13.21 5.17
N LYS A 72 13.66 -12.08 4.95
CA LYS A 72 14.91 -12.06 4.20
C LYS A 72 15.91 -13.06 4.79
N SER A 73 16.66 -13.73 3.91
CA SER A 73 17.65 -14.70 4.34
C SER A 73 18.88 -14.65 3.45
N GLN A 74 18.66 -14.53 2.15
CA GLN A 74 19.76 -14.48 1.19
C GLN A 74 19.38 -13.64 -0.03
N ALA A 75 19.64 -12.34 0.05
CA ALA A 75 19.33 -11.43 -1.04
C ALA A 75 20.61 -10.83 -1.63
N SER A 76 20.44 -9.97 -2.64
CA SER A 76 21.57 -9.34 -3.30
C SER A 76 21.50 -7.82 -3.16
N VAL A 77 20.50 -7.21 -3.78
CA VAL A 77 20.32 -5.77 -3.73
C VAL A 77 21.55 -5.04 -4.26
N GLY A 1 -11.96 -2.26 -10.08
CA GLY A 1 -13.34 -2.24 -10.54
C GLY A 1 -13.45 -2.08 -12.04
N ALA A 2 -13.37 -0.84 -12.52
CA ALA A 2 -13.46 -0.57 -13.95
C ALA A 2 -13.01 0.85 -14.26
N MET A 3 -11.91 0.98 -14.99
CA MET A 3 -11.38 2.28 -15.36
C MET A 3 -10.23 2.14 -16.36
N GLY A 4 -9.85 3.25 -16.98
CA GLY A 4 -8.77 3.23 -17.96
C GLY A 4 -7.50 3.86 -17.42
N GLN A 5 -7.06 4.92 -18.07
CA GLN A 5 -5.85 5.62 -17.67
C GLN A 5 -6.04 7.13 -17.73
N GLU A 6 -6.18 7.76 -16.57
CA GLU A 6 -6.38 9.20 -16.49
C GLU A 6 -5.52 9.81 -15.39
N THR A 7 -5.58 11.13 -15.25
CA THR A 7 -4.81 11.83 -14.24
C THR A 7 -5.65 12.10 -12.99
N ASP A 8 -6.63 11.23 -12.76
CA ASP A 8 -7.50 11.36 -11.59
C ASP A 8 -7.26 10.22 -10.60
N TRP A 9 -6.08 10.21 -10.00
CA TRP A 9 -5.72 9.18 -9.04
C TRP A 9 -6.67 9.19 -7.85
N ARG A 10 -7.36 10.32 -7.66
CA ARG A 10 -8.30 10.47 -6.56
C ARG A 10 -9.53 9.59 -6.78
N SER A 11 -9.66 9.06 -7.99
CA SER A 11 -10.80 8.22 -8.35
C SER A 11 -10.95 7.07 -7.35
N THR A 12 -12.19 6.80 -6.96
CA THR A 12 -12.47 5.72 -6.00
C THR A 12 -11.84 4.41 -6.46
N ALA A 13 -12.04 4.07 -7.73
CA ALA A 13 -11.49 2.85 -8.29
C ALA A 13 -9.99 2.76 -8.07
N PHE A 14 -9.31 3.89 -8.20
CA PHE A 14 -7.87 3.96 -8.02
C PHE A 14 -7.49 3.59 -6.58
N ARG A 15 -7.86 4.45 -5.65
CA ARG A 15 -7.56 4.23 -4.23
C ARG A 15 -8.10 2.87 -3.78
N GLN A 16 -9.28 2.52 -4.25
CA GLN A 16 -9.90 1.25 -3.89
C GLN A 16 -8.99 0.08 -4.22
N LYS A 17 -8.67 -0.08 -5.50
CA LYS A 17 -7.79 -1.15 -5.94
C LYS A 17 -6.50 -1.19 -5.13
N LEU A 18 -5.87 -0.02 -4.97
CA LEU A 18 -4.63 0.09 -4.22
C LEU A 18 -4.84 -0.37 -2.77
N VAL A 19 -5.95 0.03 -2.18
CA VAL A 19 -6.27 -0.35 -0.81
C VAL A 19 -6.28 -1.87 -0.64
N SER A 20 -6.90 -2.56 -1.59
CA SER A 20 -6.98 -4.01 -1.55
C SER A 20 -5.59 -4.64 -1.59
N GLN A 21 -4.73 -4.11 -2.44
CA GLN A 21 -3.37 -4.62 -2.56
C GLN A 21 -2.65 -4.60 -1.22
N ILE A 22 -2.65 -3.43 -0.57
CA ILE A 22 -2.01 -3.28 0.72
C ILE A 22 -2.59 -4.24 1.75
N GLU A 23 -3.89 -4.47 1.66
CA GLU A 23 -4.57 -5.38 2.58
C GLU A 23 -4.15 -6.82 2.33
N ASP A 24 -3.92 -7.15 1.06
CA ASP A 24 -3.52 -8.50 0.68
C ASP A 24 -2.10 -8.79 1.14
N ALA A 25 -1.17 -7.89 0.81
CA ALA A 25 0.22 -8.06 1.19
C ALA A 25 0.37 -8.19 2.71
N MET A 26 -0.40 -7.39 3.44
CA MET A 26 -0.36 -7.43 4.90
C MET A 26 -0.81 -8.78 5.43
N ARG A 27 -1.91 -9.28 4.87
CA ARG A 27 -2.46 -10.57 5.29
C ARG A 27 -1.38 -11.65 5.25
N LYS A 28 -0.71 -11.76 4.10
CA LYS A 28 0.33 -12.76 3.94
C LYS A 28 1.61 -12.34 4.67
N ALA A 29 1.75 -11.04 4.90
CA ALA A 29 2.91 -10.51 5.60
C ALA A 29 2.87 -10.85 7.09
N GLY A 30 1.66 -11.04 7.61
CA GLY A 30 1.50 -11.37 9.02
C GLY A 30 2.21 -10.38 9.92
N VAL A 31 1.61 -9.21 10.11
CA VAL A 31 2.21 -8.18 10.96
C VAL A 31 1.22 -7.72 12.03
N ALA A 32 1.64 -6.75 12.84
CA ALA A 32 0.80 -6.22 13.90
C ALA A 32 1.15 -4.77 14.21
N HIS A 33 0.59 -4.25 15.29
CA HIS A 33 0.83 -2.87 15.70
C HIS A 33 0.39 -1.90 14.60
N SER A 34 -0.93 -1.80 14.42
CA SER A 34 -1.48 -0.90 13.41
C SER A 34 -3.01 -0.93 13.44
N LYS A 35 -3.62 0.16 12.99
CA LYS A 35 -5.07 0.28 12.96
C LYS A 35 -5.68 -0.70 11.95
N SER A 36 -5.45 -0.42 10.67
CA SER A 36 -5.98 -1.27 9.61
C SER A 36 -5.60 -0.72 8.24
N SER A 37 -5.69 -1.57 7.22
CA SER A 37 -5.36 -1.18 5.86
C SER A 37 -6.09 0.11 5.48
N LYS A 38 -7.40 0.10 5.65
CA LYS A 38 -8.22 1.26 5.32
C LYS A 38 -7.65 2.54 5.94
N ASP A 39 -7.17 2.40 7.18
CA ASP A 39 -6.59 3.54 7.89
C ASP A 39 -5.20 3.87 7.35
N MET A 40 -4.47 2.84 6.94
CA MET A 40 -3.13 3.02 6.41
C MET A 40 -3.17 3.74 5.06
N GLU A 41 -3.93 3.18 4.12
CA GLU A 41 -4.06 3.76 2.79
C GLU A 41 -4.66 5.16 2.86
N SER A 42 -5.67 5.32 3.72
CA SER A 42 -6.32 6.61 3.88
C SER A 42 -5.31 7.70 4.26
N HIS A 43 -4.48 7.40 5.25
CA HIS A 43 -3.47 8.35 5.70
C HIS A 43 -2.51 8.71 4.56
N VAL A 44 -2.11 7.70 3.80
CA VAL A 44 -1.19 7.90 2.68
C VAL A 44 -1.76 8.89 1.67
N PHE A 45 -3.08 8.84 1.49
CA PHE A 45 -3.75 9.73 0.55
C PHE A 45 -3.68 11.17 1.03
N LEU A 46 -4.19 11.42 2.23
CA LEU A 46 -4.18 12.76 2.81
C LEU A 46 -2.76 13.25 3.04
N LYS A 47 -1.80 12.32 3.02
CA LYS A 47 -0.40 12.66 3.22
C LYS A 47 0.30 12.90 1.88
N ALA A 48 -0.22 12.28 0.83
CA ALA A 48 0.35 12.43 -0.51
C ALA A 48 -0.12 13.73 -1.16
N LYS A 49 0.71 14.28 -2.04
CA LYS A 49 0.38 15.52 -2.73
C LYS A 49 -0.01 15.25 -4.18
N THR A 50 0.46 14.13 -4.71
CA THR A 50 0.16 13.75 -6.09
C THR A 50 0.05 12.23 -6.24
N ARG A 51 -0.48 11.78 -7.36
CA ARG A 51 -0.63 10.35 -7.62
C ARG A 51 0.70 9.63 -7.43
N ASP A 52 1.79 10.33 -7.67
CA ASP A 52 3.12 9.75 -7.53
C ASP A 52 3.45 9.53 -6.05
N GLU A 53 3.25 10.55 -5.24
CA GLU A 53 3.52 10.46 -3.80
C GLU A 53 2.82 9.26 -3.19
N TYR A 54 1.51 9.17 -3.41
CA TYR A 54 0.72 8.07 -2.87
C TYR A 54 1.22 6.73 -3.41
N LEU A 55 1.19 6.59 -4.73
CA LEU A 55 1.64 5.36 -5.37
C LEU A 55 3.01 4.95 -4.87
N SER A 56 3.82 5.94 -4.50
CA SER A 56 5.17 5.68 -4.01
C SER A 56 5.12 5.14 -2.58
N LEU A 57 4.50 5.89 -1.69
CA LEU A 57 4.38 5.49 -0.29
C LEU A 57 3.69 4.14 -0.16
N VAL A 58 2.67 3.93 -0.99
CA VAL A 58 1.92 2.68 -0.97
C VAL A 58 2.81 1.50 -1.36
N ALA A 59 3.37 1.56 -2.55
CA ALA A 59 4.24 0.50 -3.05
C ALA A 59 5.33 0.18 -2.03
N ARG A 60 6.05 1.22 -1.60
CA ARG A 60 7.12 1.04 -0.63
C ARG A 60 6.65 0.25 0.59
N LEU A 61 5.45 0.57 1.06
CA LEU A 61 4.89 -0.12 2.22
C LEU A 61 4.64 -1.59 1.91
N ILE A 62 3.97 -1.87 0.79
CA ILE A 62 3.69 -3.23 0.39
C ILE A 62 4.98 -4.03 0.20
N ILE A 63 5.88 -3.51 -0.63
CA ILE A 63 7.14 -4.17 -0.89
C ILE A 63 7.86 -4.54 0.41
N HIS A 64 7.83 -3.62 1.38
CA HIS A 64 8.46 -3.86 2.67
C HIS A 64 7.82 -5.05 3.38
N PHE A 65 6.50 -5.16 3.26
CA PHE A 65 5.76 -6.24 3.90
C PHE A 65 6.19 -7.60 3.32
N ARG A 66 6.40 -7.64 2.01
CA ARG A 66 6.80 -8.87 1.35
C ARG A 66 8.19 -9.30 1.81
N ASP A 67 9.09 -8.34 1.97
CA ASP A 67 10.45 -8.63 2.40
C ASP A 67 10.46 -9.15 3.84
N ILE A 68 9.75 -8.46 4.72
CA ILE A 68 9.68 -8.86 6.12
C ILE A 68 9.26 -10.32 6.25
N HIS A 69 8.17 -10.68 5.59
CA HIS A 69 7.68 -12.06 5.63
C HIS A 69 8.57 -12.99 4.83
N ASN A 70 9.25 -12.44 3.82
CA ASN A 70 10.14 -13.22 2.98
C ASN A 70 11.32 -13.75 3.79
N LYS A 71 11.74 -12.99 4.79
CA LYS A 71 12.86 -13.40 5.64
C LYS A 71 14.10 -13.72 4.80
N LYS A 72 14.68 -12.68 4.21
CA LYS A 72 15.87 -12.85 3.38
C LYS A 72 17.12 -13.00 4.24
N SER A 73 18.28 -12.98 3.60
CA SER A 73 19.55 -13.12 4.32
C SER A 73 20.20 -11.75 4.54
N GLN A 74 19.38 -10.78 4.90
CA GLN A 74 19.88 -9.43 5.15
C GLN A 74 19.05 -8.72 6.21
N ALA A 75 19.60 -8.61 7.41
CA ALA A 75 18.91 -7.96 8.52
C ALA A 75 17.56 -8.61 8.77
N SER A 76 17.57 -9.75 9.47
CA SER A 76 16.34 -10.48 9.79
C SER A 76 16.57 -11.45 10.94
N VAL A 77 15.52 -12.17 11.31
CA VAL A 77 15.60 -13.13 12.40
C VAL A 77 15.36 -14.56 11.89
N GLY A 1 -7.10 -6.75 -13.46
CA GLY A 1 -5.69 -6.43 -13.68
C GLY A 1 -5.50 -5.23 -14.60
N ALA A 2 -6.30 -4.20 -14.37
CA ALA A 2 -6.21 -2.98 -15.18
C ALA A 2 -5.57 -1.84 -14.41
N MET A 3 -4.81 -1.00 -15.11
CA MET A 3 -4.14 0.12 -14.48
C MET A 3 -3.69 1.14 -15.53
N GLY A 4 -3.55 2.39 -15.11
CA GLY A 4 -3.13 3.43 -16.03
C GLY A 4 -4.23 3.86 -16.98
N GLN A 5 -4.64 5.12 -16.89
CA GLN A 5 -5.70 5.66 -17.75
C GLN A 5 -5.70 7.17 -17.72
N GLU A 6 -5.93 7.75 -16.56
CA GLU A 6 -5.97 9.20 -16.40
C GLU A 6 -5.26 9.64 -15.11
N THR A 7 -5.28 10.93 -14.86
CA THR A 7 -4.63 11.48 -13.66
C THR A 7 -5.65 11.68 -12.54
N ASP A 8 -6.69 10.84 -12.53
CA ASP A 8 -7.73 10.93 -11.51
C ASP A 8 -7.49 9.90 -10.41
N TRP A 9 -6.47 10.15 -9.59
CA TRP A 9 -6.14 9.25 -8.50
C TRP A 9 -7.04 9.49 -7.30
N ARG A 10 -7.93 10.47 -7.42
CA ARG A 10 -8.87 10.80 -6.35
C ARG A 10 -10.17 10.03 -6.51
N SER A 11 -10.16 9.01 -7.37
CA SER A 11 -11.33 8.20 -7.62
C SER A 11 -11.41 7.03 -6.63
N THR A 12 -12.63 6.68 -6.25
CA THR A 12 -12.84 5.59 -5.30
C THR A 12 -12.21 4.30 -5.80
N ALA A 13 -12.48 3.95 -7.05
CA ALA A 13 -11.94 2.75 -7.66
C ALA A 13 -10.42 2.70 -7.50
N PHE A 14 -9.78 3.85 -7.67
CA PHE A 14 -8.33 3.94 -7.56
C PHE A 14 -7.87 3.58 -6.15
N ARG A 15 -8.19 4.44 -5.19
CA ARG A 15 -7.81 4.21 -3.80
C ARG A 15 -8.29 2.85 -3.31
N GLN A 16 -9.50 2.47 -3.73
CA GLN A 16 -10.07 1.18 -3.34
C GLN A 16 -9.13 0.03 -3.71
N LYS A 17 -8.86 -0.10 -5.00
CA LYS A 17 -7.98 -1.16 -5.49
C LYS A 17 -6.65 -1.16 -4.73
N LEU A 18 -6.05 0.03 -4.62
CA LEU A 18 -4.78 0.16 -3.92
C LEU A 18 -4.89 -0.30 -2.48
N VAL A 19 -6.00 0.05 -1.84
CA VAL A 19 -6.25 -0.33 -0.45
C VAL A 19 -6.22 -1.84 -0.28
N SER A 20 -6.90 -2.55 -1.18
CA SER A 20 -6.95 -4.00 -1.13
C SER A 20 -5.55 -4.60 -1.22
N GLN A 21 -4.74 -4.04 -2.11
CA GLN A 21 -3.37 -4.52 -2.29
C GLN A 21 -2.59 -4.46 -0.99
N ILE A 22 -2.57 -3.29 -0.36
CA ILE A 22 -1.86 -3.09 0.90
C ILE A 22 -2.37 -4.05 1.96
N GLU A 23 -3.68 -4.32 1.95
CA GLU A 23 -4.28 -5.22 2.91
C GLU A 23 -3.85 -6.66 2.66
N ASP A 24 -3.58 -6.99 1.41
CA ASP A 24 -3.15 -8.33 1.03
C ASP A 24 -1.72 -8.59 1.52
N ALA A 25 -0.80 -7.75 1.09
CA ALA A 25 0.60 -7.88 1.48
C ALA A 25 0.75 -7.92 3.00
N MET A 26 -0.02 -7.07 3.68
CA MET A 26 0.02 -7.01 5.14
C MET A 26 -0.44 -8.32 5.76
N ARG A 27 -1.52 -8.87 5.23
CA ARG A 27 -2.07 -10.13 5.73
C ARG A 27 -0.99 -11.21 5.76
N LYS A 28 -0.33 -11.41 4.63
CA LYS A 28 0.71 -12.42 4.52
C LYS A 28 1.99 -11.95 5.23
N ALA A 29 2.13 -10.64 5.35
CA ALA A 29 3.31 -10.07 6.00
C ALA A 29 3.32 -10.39 7.49
N GLY A 30 2.13 -10.60 8.06
CA GLY A 30 2.03 -10.91 9.47
C GLY A 30 2.78 -9.92 10.35
N VAL A 31 2.15 -8.78 10.61
CA VAL A 31 2.75 -7.74 11.43
C VAL A 31 1.73 -7.10 12.36
N ALA A 32 2.20 -6.21 13.22
CA ALA A 32 1.31 -5.51 14.15
C ALA A 32 0.89 -4.16 13.61
N HIS A 33 -0.22 -4.15 12.86
CA HIS A 33 -0.73 -2.92 12.27
C HIS A 33 -1.14 -1.92 13.37
N SER A 34 -0.61 -0.71 13.28
CA SER A 34 -0.91 0.33 14.26
C SER A 34 -2.42 0.49 14.44
N LYS A 35 -3.13 0.53 13.32
CA LYS A 35 -4.58 0.68 13.35
C LYS A 35 -5.26 -0.32 12.42
N SER A 36 -5.07 -0.11 11.12
CA SER A 36 -5.66 -1.00 10.11
C SER A 36 -5.32 -0.53 8.71
N SER A 37 -5.43 -1.43 7.74
CA SER A 37 -5.13 -1.12 6.35
C SER A 37 -5.87 0.14 5.91
N LYS A 38 -7.18 0.15 6.11
CA LYS A 38 -8.01 1.30 5.73
C LYS A 38 -7.43 2.59 6.30
N ASP A 39 -6.99 2.55 7.55
CA ASP A 39 -6.41 3.72 8.20
C ASP A 39 -5.02 4.02 7.64
N MET A 40 -4.31 2.97 7.23
CA MET A 40 -2.97 3.13 6.68
C MET A 40 -3.03 3.82 5.32
N GLU A 41 -3.82 3.26 4.41
CA GLU A 41 -3.95 3.81 3.07
C GLU A 41 -4.54 5.22 3.13
N SER A 42 -5.49 5.42 4.03
CA SER A 42 -6.14 6.73 4.18
C SER A 42 -5.11 7.80 4.54
N HIS A 43 -4.24 7.48 5.49
CA HIS A 43 -3.21 8.42 5.92
C HIS A 43 -2.26 8.75 4.78
N VAL A 44 -1.89 7.73 4.01
CA VAL A 44 -0.98 7.91 2.89
C VAL A 44 -1.55 8.91 1.88
N PHE A 45 -2.85 8.82 1.62
CA PHE A 45 -3.50 9.73 0.69
C PHE A 45 -3.43 11.17 1.18
N LEU A 46 -3.98 11.41 2.36
CA LEU A 46 -3.98 12.74 2.95
C LEU A 46 -2.56 13.25 3.16
N LYS A 47 -1.60 12.33 3.17
CA LYS A 47 -0.19 12.67 3.36
C LYS A 47 0.48 12.94 2.02
N ALA A 48 -0.08 12.36 0.96
CA ALA A 48 0.48 12.54 -0.38
C ALA A 48 -0.02 13.84 -1.01
N LYS A 49 0.77 14.37 -1.93
CA LYS A 49 0.42 15.61 -2.61
C LYS A 49 -0.13 15.33 -4.01
N THR A 50 0.26 14.19 -4.57
CA THR A 50 -0.20 13.80 -5.90
C THR A 50 -0.26 12.28 -6.03
N ARG A 51 -0.82 11.81 -7.15
CA ARG A 51 -0.95 10.39 -7.40
C ARG A 51 0.41 9.69 -7.29
N ASP A 52 1.47 10.44 -7.55
CA ASP A 52 2.82 9.90 -7.48
C ASP A 52 3.24 9.66 -6.03
N GLU A 53 3.11 10.69 -5.20
CA GLU A 53 3.48 10.58 -3.79
C GLU A 53 2.80 9.37 -3.14
N TYR A 54 1.50 9.25 -3.34
CA TYR A 54 0.73 8.14 -2.78
C TYR A 54 1.23 6.81 -3.32
N LEU A 55 1.19 6.66 -4.65
CA LEU A 55 1.64 5.43 -5.29
C LEU A 55 3.05 5.07 -4.84
N SER A 56 3.84 6.06 -4.46
CA SER A 56 5.20 5.84 -4.01
C SER A 56 5.21 5.27 -2.59
N LEU A 57 4.57 5.97 -1.67
CA LEU A 57 4.49 5.53 -0.28
C LEU A 57 3.81 4.18 -0.17
N VAL A 58 2.78 3.98 -0.99
CA VAL A 58 2.03 2.73 -0.99
C VAL A 58 2.91 1.56 -1.44
N ALA A 59 3.48 1.69 -2.63
CA ALA A 59 4.35 0.65 -3.17
C ALA A 59 5.42 0.24 -2.17
N ARG A 60 6.20 1.21 -1.71
CA ARG A 60 7.26 0.96 -0.75
C ARG A 60 6.74 0.16 0.44
N LEU A 61 5.59 0.58 0.96
CA LEU A 61 4.98 -0.10 2.11
C LEU A 61 4.64 -1.55 1.77
N ILE A 62 4.02 -1.74 0.61
CA ILE A 62 3.64 -3.08 0.17
C ILE A 62 4.86 -3.96 -0.03
N ILE A 63 5.80 -3.48 -0.84
CA ILE A 63 7.03 -4.24 -1.11
C ILE A 63 7.69 -4.69 0.19
N HIS A 64 7.64 -3.82 1.20
CA HIS A 64 8.23 -4.14 2.50
C HIS A 64 7.45 -5.26 3.20
N PHE A 65 6.13 -5.20 3.09
CA PHE A 65 5.27 -6.20 3.72
C PHE A 65 5.49 -7.57 3.08
N ARG A 66 5.48 -7.61 1.75
CA ARG A 66 5.68 -8.85 1.03
C ARG A 66 7.00 -9.51 1.41
N ASP A 67 8.06 -8.72 1.43
CA ASP A 67 9.39 -9.23 1.77
C ASP A 67 9.36 -9.90 3.15
N ILE A 68 8.76 -9.22 4.12
CA ILE A 68 8.67 -9.75 5.48
C ILE A 68 8.02 -11.13 5.48
N HIS A 69 6.96 -11.28 4.70
CA HIS A 69 6.25 -12.55 4.61
C HIS A 69 7.18 -13.68 4.17
N ASN A 70 7.84 -13.49 3.04
CA ASN A 70 8.75 -14.49 2.51
C ASN A 70 9.94 -14.69 3.46
N LYS A 71 10.26 -13.64 4.22
CA LYS A 71 11.37 -13.70 5.17
C LYS A 71 12.68 -13.96 4.45
N LYS A 72 13.36 -12.89 4.06
CA LYS A 72 14.64 -13.00 3.36
C LYS A 72 15.81 -12.91 4.34
N SER A 73 16.96 -13.39 3.93
CA SER A 73 18.16 -13.37 4.77
C SER A 73 18.72 -11.95 4.87
N GLN A 74 18.50 -11.32 6.02
CA GLN A 74 19.00 -9.97 6.25
C GLN A 74 18.34 -8.98 5.28
N ALA A 75 17.25 -8.37 5.71
CA ALA A 75 16.54 -7.40 4.89
C ALA A 75 15.81 -6.37 5.74
N SER A 76 16.36 -6.10 6.92
CA SER A 76 15.78 -5.14 7.84
C SER A 76 14.38 -5.57 8.27
N VAL A 77 14.28 -6.77 8.82
CA VAL A 77 13.00 -7.31 9.27
C VAL A 77 13.05 -7.68 10.75
N GLY A 1 0.74 -5.78 -10.00
CA GLY A 1 2.15 -5.88 -10.38
C GLY A 1 2.70 -4.58 -10.92
N ALA A 2 2.06 -3.48 -10.57
CA ALA A 2 2.49 -2.16 -11.02
C ALA A 2 2.38 -2.04 -12.54
N MET A 3 1.38 -1.29 -13.00
CA MET A 3 1.17 -1.10 -14.43
C MET A 3 1.24 0.38 -14.79
N GLY A 4 0.20 1.13 -14.44
CA GLY A 4 0.17 2.54 -14.74
C GLY A 4 -1.09 3.21 -14.23
N GLN A 5 -1.77 3.94 -15.11
CA GLN A 5 -2.99 4.64 -14.74
C GLN A 5 -2.72 5.69 -13.68
N GLU A 6 -2.60 6.94 -14.10
CA GLU A 6 -2.33 8.04 -13.19
C GLU A 6 -3.07 9.30 -13.63
N THR A 7 -4.27 9.50 -13.10
CA THR A 7 -5.07 10.66 -13.44
C THR A 7 -6.17 10.90 -12.39
N ASP A 8 -7.18 10.05 -12.40
CA ASP A 8 -8.28 10.15 -11.46
C ASP A 8 -8.06 9.27 -10.24
N TRP A 9 -7.00 9.56 -9.49
CA TRP A 9 -6.67 8.79 -8.30
C TRP A 9 -7.61 9.14 -7.14
N ARG A 10 -8.46 10.14 -7.36
CA ARG A 10 -9.40 10.56 -6.34
C ARG A 10 -10.70 9.79 -6.43
N SER A 11 -10.71 8.75 -7.26
CA SER A 11 -11.90 7.93 -7.45
C SER A 11 -11.98 6.85 -6.38
N THR A 12 -13.20 6.57 -5.93
CA THR A 12 -13.43 5.56 -4.90
C THR A 12 -12.83 4.23 -5.29
N ALA A 13 -13.13 3.78 -6.51
CA ALA A 13 -12.62 2.51 -7.01
C ALA A 13 -11.10 2.45 -6.89
N PHE A 14 -10.43 3.48 -7.38
CA PHE A 14 -8.97 3.55 -7.33
C PHE A 14 -8.46 3.30 -5.91
N ARG A 15 -8.74 4.25 -5.02
CA ARG A 15 -8.31 4.13 -3.63
C ARG A 15 -8.77 2.80 -3.03
N GLN A 16 -10.05 2.48 -3.23
CA GLN A 16 -10.62 1.25 -2.70
C GLN A 16 -9.75 0.05 -3.07
N LYS A 17 -9.38 -0.04 -4.35
CA LYS A 17 -8.55 -1.13 -4.83
C LYS A 17 -7.25 -1.22 -4.05
N LEU A 18 -6.51 -0.11 -4.02
CA LEU A 18 -5.23 -0.06 -3.31
C LEU A 18 -5.41 -0.48 -1.85
N VAL A 19 -6.46 0.03 -1.21
CA VAL A 19 -6.73 -0.30 0.18
C VAL A 19 -6.70 -1.81 0.40
N SER A 20 -7.50 -2.53 -0.38
CA SER A 20 -7.58 -3.98 -0.26
C SER A 20 -6.19 -4.61 -0.40
N GLN A 21 -5.45 -4.16 -1.42
CA GLN A 21 -4.11 -4.68 -1.67
C GLN A 21 -3.25 -4.57 -0.41
N ILE A 22 -3.19 -3.37 0.16
CA ILE A 22 -2.39 -3.13 1.36
C ILE A 22 -2.83 -4.05 2.50
N GLU A 23 -4.13 -4.32 2.56
CA GLU A 23 -4.68 -5.19 3.61
C GLU A 23 -4.30 -6.64 3.34
N ASP A 24 -4.28 -7.03 2.08
CA ASP A 24 -3.94 -8.40 1.70
C ASP A 24 -2.45 -8.66 1.91
N ALA A 25 -1.61 -7.72 1.46
CA ALA A 25 -0.18 -7.86 1.60
C ALA A 25 0.23 -7.96 3.07
N MET A 26 -0.40 -7.13 3.90
CA MET A 26 -0.10 -7.14 5.34
C MET A 26 -0.46 -8.47 5.97
N ARG A 27 -1.65 -8.98 5.64
CA ARG A 27 -2.11 -10.25 6.17
C ARG A 27 -1.07 -11.35 5.95
N LYS A 28 -0.67 -11.54 4.70
CA LYS A 28 0.32 -12.55 4.36
C LYS A 28 1.70 -12.17 4.89
N ALA A 29 1.97 -10.86 4.93
CA ALA A 29 3.25 -10.38 5.42
C ALA A 29 3.46 -10.75 6.89
N GLY A 30 2.34 -10.96 7.60
CA GLY A 30 2.42 -11.32 9.00
C GLY A 30 3.04 -10.23 9.85
N VAL A 31 2.25 -9.19 10.12
CA VAL A 31 2.72 -8.06 10.93
C VAL A 31 1.56 -7.38 11.65
N ALA A 32 1.87 -6.33 12.40
CA ALA A 32 0.86 -5.59 13.13
C ALA A 32 1.17 -4.09 13.13
N HIS A 33 0.93 -3.45 12.00
CA HIS A 33 1.18 -2.01 11.87
C HIS A 33 0.32 -1.22 12.85
N SER A 34 0.28 0.09 12.66
CA SER A 34 -0.50 0.97 13.52
C SER A 34 -1.93 1.12 13.00
N LYS A 35 -2.90 0.96 13.90
CA LYS A 35 -4.31 1.08 13.53
C LYS A 35 -4.73 -0.07 12.61
N SER A 36 -4.42 0.07 11.32
CA SER A 36 -4.77 -0.95 10.34
C SER A 36 -4.40 -0.50 8.94
N SER A 37 -4.33 -1.45 8.02
CA SER A 37 -3.99 -1.15 6.63
C SER A 37 -4.88 -0.05 6.07
N LYS A 38 -6.19 -0.24 6.20
CA LYS A 38 -7.16 0.74 5.71
C LYS A 38 -6.81 2.14 6.21
N ASP A 39 -6.64 2.27 7.52
CA ASP A 39 -6.31 3.55 8.12
C ASP A 39 -5.01 4.11 7.54
N MET A 40 -4.06 3.22 7.28
CA MET A 40 -2.77 3.62 6.71
C MET A 40 -2.95 4.22 5.32
N GLU A 41 -3.78 3.58 4.51
CA GLU A 41 -4.02 4.06 3.16
C GLU A 41 -4.55 5.50 3.17
N SER A 42 -5.60 5.73 3.96
CA SER A 42 -6.20 7.05 4.07
C SER A 42 -5.15 8.10 4.40
N HIS A 43 -4.30 7.79 5.38
CA HIS A 43 -3.25 8.70 5.80
C HIS A 43 -2.32 9.04 4.64
N VAL A 44 -2.03 8.03 3.81
CA VAL A 44 -1.15 8.21 2.66
C VAL A 44 -1.75 9.20 1.67
N PHE A 45 -3.05 9.05 1.41
CA PHE A 45 -3.74 9.93 0.48
C PHE A 45 -3.63 11.39 0.91
N LEU A 46 -3.96 11.66 2.16
CA LEU A 46 -3.89 13.02 2.70
C LEU A 46 -2.44 13.47 2.86
N LYS A 47 -1.52 12.50 2.86
CA LYS A 47 -0.11 12.79 3.00
C LYS A 47 0.55 12.97 1.64
N ALA A 48 -0.17 12.60 0.59
CA ALA A 48 0.34 12.72 -0.77
C ALA A 48 -0.15 14.01 -1.42
N LYS A 49 0.72 14.62 -2.24
CA LYS A 49 0.37 15.86 -2.92
C LYS A 49 -0.18 15.57 -4.32
N THR A 50 0.19 14.43 -4.87
CA THR A 50 -0.27 14.03 -6.20
C THR A 50 -0.39 12.52 -6.32
N ARG A 51 -0.96 12.06 -7.43
CA ARG A 51 -1.13 10.64 -7.66
C ARG A 51 0.21 9.90 -7.57
N ASP A 52 1.29 10.62 -7.82
CA ASP A 52 2.63 10.05 -7.77
C ASP A 52 3.07 9.83 -6.32
N GLU A 53 3.04 10.90 -5.53
CA GLU A 53 3.43 10.82 -4.13
C GLU A 53 2.71 9.67 -3.42
N TYR A 54 1.45 9.47 -3.78
CA TYR A 54 0.64 8.41 -3.17
C TYR A 54 1.05 7.04 -3.73
N LEU A 55 0.91 6.88 -5.04
CA LEU A 55 1.25 5.63 -5.70
C LEU A 55 2.65 5.17 -5.30
N SER A 56 3.52 6.13 -5.03
CA SER A 56 4.89 5.82 -4.64
C SER A 56 4.95 5.29 -3.21
N LEU A 57 4.38 6.05 -2.28
CA LEU A 57 4.37 5.65 -0.88
C LEU A 57 3.65 4.31 -0.70
N VAL A 58 2.52 4.16 -1.37
CA VAL A 58 1.74 2.93 -1.29
C VAL A 58 2.56 1.73 -1.74
N ALA A 59 3.04 1.78 -2.99
CA ALA A 59 3.85 0.71 -3.55
C ALA A 59 4.99 0.33 -2.60
N ARG A 60 5.78 1.32 -2.22
CA ARG A 60 6.90 1.10 -1.33
C ARG A 60 6.48 0.30 -0.09
N LEU A 61 5.32 0.66 0.45
CA LEU A 61 4.79 -0.03 1.62
C LEU A 61 4.52 -1.50 1.34
N ILE A 62 3.70 -1.74 0.31
CA ILE A 62 3.36 -3.11 -0.08
C ILE A 62 4.62 -3.92 -0.38
N ILE A 63 5.46 -3.39 -1.26
CA ILE A 63 6.71 -4.07 -1.63
C ILE A 63 7.49 -4.48 -0.40
N HIS A 64 7.55 -3.59 0.58
CA HIS A 64 8.28 -3.86 1.82
C HIS A 64 7.68 -5.04 2.56
N PHE A 65 6.35 -5.15 2.52
CA PHE A 65 5.65 -6.24 3.19
C PHE A 65 5.95 -7.58 2.53
N ARG A 66 5.87 -7.61 1.20
CA ARG A 66 6.14 -8.82 0.44
C ARG A 66 7.56 -9.32 0.71
N ASP A 67 8.50 -8.39 0.76
CA ASP A 67 9.90 -8.73 1.00
C ASP A 67 10.07 -9.41 2.36
N ILE A 68 9.49 -8.80 3.40
CA ILE A 68 9.58 -9.33 4.75
C ILE A 68 9.12 -10.79 4.79
N HIS A 69 7.98 -11.07 4.17
CA HIS A 69 7.43 -12.42 4.13
C HIS A 69 8.45 -13.40 3.54
N ASN A 70 8.93 -13.09 2.34
CA ASN A 70 9.91 -13.94 1.68
C ASN A 70 11.21 -14.02 2.48
N LYS A 71 11.47 -12.98 3.25
CA LYS A 71 12.68 -12.93 4.08
C LYS A 71 13.88 -13.51 3.33
N LYS A 72 13.98 -13.18 2.04
CA LYS A 72 15.07 -13.66 1.22
C LYS A 72 16.28 -12.73 1.30
N SER A 73 16.08 -11.48 0.88
CA SER A 73 17.14 -10.48 0.90
C SER A 73 17.00 -9.56 2.11
N GLN A 74 15.75 -9.21 2.43
CA GLN A 74 15.47 -8.33 3.54
C GLN A 74 14.27 -8.82 4.34
N ALA A 75 14.50 -9.17 5.61
CA ALA A 75 13.44 -9.66 6.47
C ALA A 75 13.28 -8.77 7.70
N SER A 76 12.24 -9.03 8.49
CA SER A 76 11.98 -8.26 9.70
C SER A 76 11.31 -9.12 10.76
N VAL A 77 10.34 -9.93 10.34
CA VAL A 77 9.63 -10.81 11.25
C VAL A 77 9.76 -12.27 10.82
N GLY A 1 -11.33 -4.29 -16.27
CA GLY A 1 -10.70 -3.01 -16.03
C GLY A 1 -9.93 -2.50 -17.22
N ALA A 2 -9.84 -1.18 -17.36
CA ALA A 2 -9.12 -0.57 -18.48
C ALA A 2 -7.71 -0.18 -18.07
N MET A 3 -6.85 0.04 -19.06
CA MET A 3 -5.47 0.43 -18.81
C MET A 3 -5.00 1.49 -19.80
N GLY A 4 -5.70 2.63 -19.79
CA GLY A 4 -5.34 3.71 -20.69
C GLY A 4 -5.59 5.07 -20.07
N GLN A 5 -5.61 5.13 -18.75
CA GLN A 5 -5.84 6.38 -18.04
C GLN A 5 -5.63 6.21 -16.54
N GLU A 6 -4.79 7.07 -15.96
CA GLU A 6 -4.51 7.01 -14.53
C GLU A 6 -4.80 8.35 -13.86
N THR A 7 -5.70 9.12 -14.45
CA THR A 7 -6.07 10.42 -13.92
C THR A 7 -7.11 10.29 -12.81
N ASP A 8 -7.34 11.37 -12.09
CA ASP A 8 -8.32 11.38 -11.00
C ASP A 8 -8.01 10.27 -9.99
N TRP A 9 -6.79 10.27 -9.47
CA TRP A 9 -6.38 9.27 -8.50
C TRP A 9 -7.23 9.34 -7.24
N ARG A 10 -7.92 10.47 -7.05
CA ARG A 10 -8.76 10.66 -5.89
C ARG A 10 -10.03 9.82 -5.98
N SER A 11 -10.26 9.23 -7.15
CA SER A 11 -11.43 8.40 -7.36
C SER A 11 -11.50 7.27 -6.34
N THR A 12 -12.69 7.03 -5.81
CA THR A 12 -12.87 5.97 -4.82
C THR A 12 -12.31 4.64 -5.31
N ALA A 13 -12.64 4.28 -6.54
CA ALA A 13 -12.16 3.04 -7.13
C ALA A 13 -10.64 2.94 -7.05
N PHE A 14 -9.97 4.07 -7.31
CA PHE A 14 -8.52 4.12 -7.28
C PHE A 14 -7.99 3.78 -5.88
N ARG A 15 -8.25 4.67 -4.93
CA ARG A 15 -7.81 4.47 -3.56
C ARG A 15 -8.30 3.13 -3.02
N GLN A 16 -9.53 2.78 -3.35
CA GLN A 16 -10.12 1.52 -2.90
C GLN A 16 -9.24 0.33 -3.31
N LYS A 17 -9.06 0.16 -4.61
CA LYS A 17 -8.26 -0.93 -5.13
C LYS A 17 -6.89 -0.97 -4.46
N LEU A 18 -6.24 0.20 -4.40
CA LEU A 18 -4.92 0.31 -3.79
C LEU A 18 -4.97 -0.14 -2.33
N VAL A 19 -6.01 0.28 -1.63
CA VAL A 19 -6.18 -0.08 -0.22
C VAL A 19 -6.20 -1.59 -0.04
N SER A 20 -6.97 -2.28 -0.87
CA SER A 20 -7.08 -3.73 -0.80
C SER A 20 -5.71 -4.39 -0.97
N GLN A 21 -4.93 -3.89 -1.93
CA GLN A 21 -3.60 -4.42 -2.19
C GLN A 21 -2.75 -4.40 -0.93
N ILE A 22 -2.63 -3.22 -0.32
CA ILE A 22 -1.83 -3.06 0.89
C ILE A 22 -2.32 -3.99 1.99
N GLU A 23 -3.64 -4.19 2.05
CA GLU A 23 -4.23 -5.05 3.06
C GLU A 23 -3.89 -6.52 2.78
N ASP A 24 -3.83 -6.88 1.51
CA ASP A 24 -3.51 -8.24 1.12
C ASP A 24 -2.07 -8.59 1.44
N ALA A 25 -1.14 -7.74 0.98
CA ALA A 25 0.28 -7.96 1.22
C ALA A 25 0.57 -8.04 2.72
N MET A 26 -0.07 -7.17 3.50
CA MET A 26 0.12 -7.14 4.93
C MET A 26 -0.32 -8.46 5.56
N ARG A 27 -1.46 -8.98 5.11
CA ARG A 27 -1.98 -10.24 5.63
C ARG A 27 -0.96 -11.36 5.50
N LYS A 28 -0.46 -11.56 4.28
CA LYS A 28 0.53 -12.59 4.02
C LYS A 28 1.89 -12.21 4.61
N ALA A 29 2.09 -10.92 4.81
CA ALA A 29 3.35 -10.42 5.36
C ALA A 29 3.44 -10.71 6.86
N GLY A 30 2.28 -10.85 7.50
CA GLY A 30 2.26 -11.15 8.92
C GLY A 30 3.09 -10.18 9.73
N VAL A 31 2.54 -8.98 9.98
CA VAL A 31 3.25 -7.97 10.74
C VAL A 31 2.40 -7.46 11.91
N ALA A 32 2.94 -6.50 12.64
CA ALA A 32 2.23 -5.92 13.78
C ALA A 32 2.65 -4.47 14.02
N HIS A 33 2.22 -3.93 15.16
CA HIS A 33 2.56 -2.55 15.50
C HIS A 33 2.04 -1.57 14.46
N SER A 34 0.72 -1.41 14.41
CA SER A 34 0.09 -0.52 13.45
C SER A 34 -1.43 -0.51 13.63
N LYS A 35 -2.06 0.60 13.22
CA LYS A 35 -3.50 0.74 13.35
C LYS A 35 -4.22 -0.24 12.42
N SER A 36 -4.13 0.00 11.11
CA SER A 36 -4.76 -0.85 10.12
C SER A 36 -4.53 -0.33 8.71
N SER A 37 -4.72 -1.20 7.72
CA SER A 37 -4.52 -0.82 6.33
C SER A 37 -5.28 0.47 5.99
N LYS A 38 -6.56 0.48 6.31
CA LYS A 38 -7.40 1.65 6.05
C LYS A 38 -6.76 2.92 6.60
N ASP A 39 -6.16 2.80 7.78
CA ASP A 39 -5.49 3.94 8.42
C ASP A 39 -4.16 4.24 7.74
N MET A 40 -3.52 3.20 7.22
CA MET A 40 -2.24 3.36 6.54
C MET A 40 -2.41 4.05 5.19
N GLU A 41 -3.26 3.48 4.34
CA GLU A 41 -3.51 4.04 3.02
C GLU A 41 -4.08 5.45 3.13
N SER A 42 -5.04 5.62 4.04
CA SER A 42 -5.67 6.92 4.24
C SER A 42 -4.63 7.98 4.61
N HIS A 43 -3.76 7.64 5.54
CA HIS A 43 -2.71 8.56 5.98
C HIS A 43 -1.83 8.98 4.81
N VAL A 44 -1.46 8.01 3.98
CA VAL A 44 -0.62 8.27 2.82
C VAL A 44 -1.31 9.20 1.83
N PHE A 45 -2.62 8.99 1.66
CA PHE A 45 -3.41 9.80 0.75
C PHE A 45 -3.52 11.24 1.25
N LEU A 46 -3.46 11.41 2.56
CA LEU A 46 -3.55 12.73 3.17
C LEU A 46 -2.18 13.38 3.28
N LYS A 47 -1.13 12.57 3.17
CA LYS A 47 0.23 13.06 3.26
C LYS A 47 0.85 13.21 1.86
N ALA A 48 0.20 12.61 0.87
CA ALA A 48 0.68 12.68 -0.50
C ALA A 48 0.29 14.00 -1.16
N LYS A 49 1.03 14.38 -2.19
CA LYS A 49 0.76 15.63 -2.90
C LYS A 49 0.12 15.35 -4.26
N THR A 50 0.43 14.19 -4.83
CA THR A 50 -0.12 13.80 -6.12
C THR A 50 -0.24 12.29 -6.24
N ARG A 51 -0.92 11.83 -7.28
CA ARG A 51 -1.12 10.41 -7.50
C ARG A 51 0.21 9.65 -7.44
N ASP A 52 1.28 10.33 -7.83
CA ASP A 52 2.62 9.72 -7.81
C ASP A 52 3.08 9.50 -6.38
N GLU A 53 2.95 10.51 -5.54
CA GLU A 53 3.37 10.42 -4.15
C GLU A 53 2.71 9.22 -3.47
N TYR A 54 1.39 9.12 -3.58
CA TYR A 54 0.64 8.03 -2.98
C TYR A 54 1.04 6.69 -3.60
N LEU A 55 0.84 6.57 -4.90
CA LEU A 55 1.17 5.35 -5.61
C LEU A 55 2.60 4.90 -5.28
N SER A 56 3.47 5.87 -5.02
CA SER A 56 4.86 5.57 -4.69
C SER A 56 4.98 5.00 -3.28
N LEU A 57 4.48 5.76 -2.30
CA LEU A 57 4.54 5.33 -0.90
C LEU A 57 3.82 4.00 -0.72
N VAL A 58 2.71 3.82 -1.44
CA VAL A 58 1.93 2.60 -1.35
C VAL A 58 2.74 1.40 -1.84
N ALA A 59 3.21 1.48 -3.07
CA ALA A 59 4.01 0.40 -3.65
C ALA A 59 5.18 0.03 -2.76
N ARG A 60 5.97 1.04 -2.39
CA ARG A 60 7.13 0.81 -1.53
C ARG A 60 6.75 0.03 -0.29
N LEU A 61 5.67 0.46 0.37
CA LEU A 61 5.19 -0.19 1.58
C LEU A 61 4.87 -1.66 1.31
N ILE A 62 4.11 -1.92 0.25
CA ILE A 62 3.74 -3.27 -0.13
C ILE A 62 4.97 -4.12 -0.42
N ILE A 63 5.80 -3.64 -1.35
CA ILE A 63 7.02 -4.36 -1.73
C ILE A 63 7.85 -4.72 -0.50
N HIS A 64 7.92 -3.80 0.45
CA HIS A 64 8.68 -4.03 1.67
C HIS A 64 8.07 -5.17 2.50
N PHE A 65 6.75 -5.25 2.50
CA PHE A 65 6.04 -6.29 3.23
C PHE A 65 6.36 -7.67 2.67
N ARG A 66 6.43 -7.75 1.34
CA ARG A 66 6.73 -9.01 0.67
C ARG A 66 8.14 -9.50 1.02
N ASP A 67 9.10 -8.57 0.98
CA ASP A 67 10.49 -8.90 1.29
C ASP A 67 10.61 -9.42 2.72
N ILE A 68 9.99 -8.72 3.66
CA ILE A 68 10.04 -9.11 5.07
C ILE A 68 9.57 -10.55 5.25
N HIS A 69 8.42 -10.87 4.69
CA HIS A 69 7.85 -12.22 4.78
C HIS A 69 8.86 -13.25 4.27
N ASN A 70 9.32 -13.05 3.04
CA ASN A 70 10.27 -13.98 2.42
C ASN A 70 11.50 -14.17 3.32
N LYS A 71 12.27 -13.10 3.48
CA LYS A 71 13.47 -13.15 4.31
C LYS A 71 13.97 -11.74 4.64
N LYS A 72 14.57 -11.09 3.65
CA LYS A 72 15.09 -9.74 3.83
C LYS A 72 16.17 -9.71 4.90
N SER A 73 16.85 -8.57 5.02
CA SER A 73 17.90 -8.42 6.01
C SER A 73 17.40 -8.80 7.40
N GLN A 74 16.11 -8.61 7.63
CA GLN A 74 15.51 -8.93 8.92
C GLN A 74 15.47 -10.44 9.14
N ALA A 75 14.98 -10.85 10.30
CA ALA A 75 14.89 -12.27 10.64
C ALA A 75 13.44 -12.69 10.84
N SER A 76 12.67 -11.85 11.53
CA SER A 76 11.27 -12.15 11.79
C SER A 76 10.51 -12.39 10.50
N VAL A 77 9.47 -13.22 10.58
CA VAL A 77 8.65 -13.53 9.41
C VAL A 77 7.22 -13.03 9.59
#